data_2MUL
#
_entry.id   2MUL
#
_cell.length_a   1.000
_cell.length_b   1.000
_cell.length_c   1.000
_cell.angle_alpha   90.00
_cell.angle_beta   90.00
_cell.angle_gamma   90.00
#
_symmetry.space_group_name_H-M   'P 1'
#
_entity_poly.entity_id   1
_entity_poly.type   'polypeptide(L)'
_entity_poly.pdbx_seq_one_letter_code
;TSSEEEDPLAGISLPEGVDPSFLAALPDDIRREVLQNQLGIRPPTRTAPSTNS
;
_entity_poly.pdbx_strand_id   A
#
# COMPACT_ATOMS: atom_id res chain seq x y z
N THR A 1 4.20 8.62 -13.42
CA THR A 1 4.95 7.50 -12.80
C THR A 1 6.44 7.84 -12.73
N SER A 2 7.22 6.94 -12.11
CA SER A 2 8.68 7.09 -11.99
C SER A 2 9.38 5.76 -12.35
N SER A 3 10.67 5.85 -12.68
CA SER A 3 11.55 4.68 -12.92
C SER A 3 11.90 3.98 -11.59
N GLU A 4 11.75 4.75 -10.50
CA GLU A 4 12.00 4.28 -9.13
C GLU A 4 10.89 3.30 -8.70
N GLU A 5 11.04 2.04 -9.11
CA GLU A 5 10.09 0.95 -8.80
C GLU A 5 10.57 0.19 -7.56
N GLU A 6 9.62 -0.13 -6.66
CA GLU A 6 9.92 -0.87 -5.43
C GLU A 6 9.86 -2.39 -5.72
N ASP A 7 10.96 -3.09 -5.42
CA ASP A 7 11.11 -4.53 -5.75
C ASP A 7 10.57 -5.41 -4.59
N PRO A 8 9.82 -6.53 -4.87
CA PRO A 8 9.25 -7.39 -3.79
C PRO A 8 10.35 -8.05 -2.90
N LEU A 9 11.53 -8.34 -3.48
CA LEU A 9 12.67 -8.94 -2.75
C LEU A 9 13.32 -7.88 -1.81
N ALA A 10 13.01 -6.59 -2.05
CA ALA A 10 13.50 -5.46 -1.24
C ALA A 10 12.75 -5.30 0.12
N GLY A 11 12.01 -6.36 0.53
CA GLY A 11 11.41 -6.44 1.87
C GLY A 11 10.34 -5.39 2.13
N ILE A 12 9.75 -4.88 1.04
CA ILE A 12 8.70 -3.85 1.09
C ILE A 12 7.38 -4.41 1.68
N SER A 13 6.68 -3.58 2.48
CA SER A 13 5.53 -4.00 3.28
C SER A 13 4.23 -3.98 2.45
N LEU A 14 4.00 -5.08 1.70
CA LEU A 14 2.77 -5.30 0.92
C LEU A 14 2.06 -6.59 1.41
N PRO A 15 0.70 -6.61 1.38
CA PRO A 15 -0.10 -7.84 1.60
C PRO A 15 0.11 -8.89 0.49
N GLU A 16 -0.25 -10.14 0.78
CA GLU A 16 -0.13 -11.26 -0.17
C GLU A 16 -1.09 -11.07 -1.36
N GLY A 17 -0.63 -11.44 -2.57
CA GLY A 17 -1.39 -11.22 -3.81
C GLY A 17 -1.05 -9.89 -4.47
N VAL A 18 -0.73 -8.87 -3.65
CA VAL A 18 -0.41 -7.51 -4.13
C VAL A 18 1.07 -7.45 -4.54
N ASP A 19 1.32 -7.42 -5.85
CA ASP A 19 2.68 -7.31 -6.42
C ASP A 19 2.96 -5.84 -6.84
N PRO A 20 4.16 -5.27 -6.53
CA PRO A 20 4.47 -3.83 -6.76
C PRO A 20 4.71 -3.43 -8.23
N SER A 21 4.69 -4.39 -9.18
CA SER A 21 4.93 -4.08 -10.60
C SER A 21 3.86 -3.13 -11.15
N PHE A 22 2.57 -3.50 -10.99
CA PHE A 22 1.44 -2.66 -11.44
C PHE A 22 1.28 -1.40 -10.56
N LEU A 23 1.79 -1.46 -9.31
CA LEU A 23 1.70 -0.32 -8.38
C LEU A 23 2.68 0.81 -8.76
N ALA A 24 3.86 0.42 -9.25
CA ALA A 24 4.95 1.36 -9.56
C ALA A 24 4.92 1.79 -11.04
N ALA A 25 4.55 0.84 -11.92
CA ALA A 25 4.50 1.07 -13.39
C ALA A 25 3.24 1.88 -13.77
N LEU A 26 2.16 1.73 -12.98
CA LEU A 26 0.92 2.53 -13.12
C LEU A 26 0.87 3.59 -12.00
N PRO A 27 -0.02 4.66 -12.07
CA PRO A 27 -0.04 5.78 -11.08
C PRO A 27 -0.32 5.34 -9.61
N ASP A 28 -0.11 6.27 -8.68
CA ASP A 28 -0.37 6.07 -7.24
C ASP A 28 -1.89 6.06 -6.92
N ASP A 29 -2.70 6.55 -7.87
CA ASP A 29 -4.16 6.64 -7.72
C ASP A 29 -4.81 5.25 -7.64
N ILE A 30 -4.53 4.39 -8.64
CA ILE A 30 -5.09 3.01 -8.67
C ILE A 30 -4.31 2.09 -7.70
N ARG A 31 -3.09 2.54 -7.33
CA ARG A 31 -2.21 1.85 -6.36
C ARG A 31 -2.87 1.80 -4.96
N ARG A 32 -3.30 2.97 -4.46
CA ARG A 32 -4.00 3.06 -3.15
C ARG A 32 -5.43 2.49 -3.26
N GLU A 33 -6.05 2.68 -4.44
CA GLU A 33 -7.38 2.11 -4.79
C GLU A 33 -7.42 0.59 -4.52
N VAL A 34 -6.48 -0.17 -5.14
CA VAL A 34 -6.45 -1.64 -5.04
C VAL A 34 -6.06 -2.09 -3.62
N LEU A 35 -5.18 -1.35 -2.92
CA LEU A 35 -4.75 -1.72 -1.56
C LEU A 35 -5.92 -1.62 -0.55
N GLN A 36 -6.52 -0.43 -0.50
CA GLN A 36 -7.54 -0.06 0.50
C GLN A 36 -8.85 -0.84 0.28
N ASN A 37 -9.28 -0.96 -0.99
CA ASN A 37 -10.56 -1.59 -1.35
C ASN A 37 -10.52 -3.13 -1.29
N GLN A 38 -9.44 -3.75 -1.80
CA GLN A 38 -9.32 -5.23 -1.86
C GLN A 38 -8.98 -5.83 -0.49
N LEU A 39 -7.95 -5.29 0.17
CA LEU A 39 -7.39 -5.86 1.42
C LEU A 39 -8.03 -5.22 2.65
N GLY A 40 -8.41 -3.93 2.53
CA GLY A 40 -8.97 -3.18 3.66
C GLY A 40 -7.93 -2.70 4.66
N ILE A 41 -6.65 -2.93 4.34
CA ILE A 41 -5.51 -2.60 5.22
C ILE A 41 -5.21 -1.10 5.14
N ARG A 42 -4.99 -0.48 6.31
CA ARG A 42 -4.66 0.95 6.42
C ARG A 42 -3.20 1.11 6.91
N PRO A 43 -2.30 1.70 6.06
CA PRO A 43 -0.94 2.14 6.50
C PRO A 43 -0.95 3.12 7.73
N PRO A 44 -1.94 4.11 7.87
CA PRO A 44 -2.12 4.88 9.14
C PRO A 44 -2.55 3.99 10.33
N THR A 45 -2.45 4.55 11.56
CA THR A 45 -2.70 3.80 12.81
C THR A 45 -4.16 3.30 12.92
N ARG A 46 -4.33 1.97 13.07
CA ARG A 46 -5.66 1.34 13.23
C ARG A 46 -6.27 1.67 14.60
N THR A 47 -7.40 2.37 14.58
CA THR A 47 -8.19 2.71 15.79
C THR A 47 -9.64 2.21 15.66
N ALA A 48 -9.94 1.53 14.53
CA ALA A 48 -11.27 1.02 14.22
C ALA A 48 -11.15 -0.29 13.42
N PRO A 49 -11.59 -1.48 13.98
CA PRO A 49 -11.57 -2.78 13.26
C PRO A 49 -12.57 -2.79 12.07
N SER A 50 -13.68 -2.03 12.21
CA SER A 50 -14.67 -1.83 11.14
C SER A 50 -14.15 -0.74 10.16
N THR A 51 -13.19 -1.16 9.32
CA THR A 51 -12.51 -0.30 8.34
C THR A 51 -13.19 -0.44 6.95
N ASN A 52 -12.79 0.44 6.00
CA ASN A 52 -13.23 0.34 4.58
C ASN A 52 -12.69 -0.97 3.97
N SER A 53 -13.58 -1.96 3.84
CA SER A 53 -13.22 -3.31 3.38
C SER A 53 -14.51 -4.01 2.84
N THR A 1 8.38 9.30 -11.32
CA THR A 1 8.94 8.05 -11.86
C THR A 1 8.58 6.86 -10.95
N SER A 2 8.60 5.64 -11.53
CA SER A 2 8.35 4.40 -10.79
C SER A 2 9.61 3.99 -10.00
N SER A 3 9.84 4.71 -8.89
CA SER A 3 10.98 4.48 -7.99
C SER A 3 10.52 4.52 -6.53
N GLU A 4 9.31 5.06 -6.29
CA GLU A 4 8.68 5.07 -4.97
C GLU A 4 7.61 3.95 -4.92
N GLU A 5 8.09 2.71 -4.95
CA GLU A 5 7.23 1.51 -4.84
C GLU A 5 7.61 0.72 -3.58
N GLU A 6 6.64 -0.02 -3.03
CA GLU A 6 6.88 -0.95 -1.93
C GLU A 6 7.39 -2.27 -2.51
N ASP A 7 8.71 -2.37 -2.67
CA ASP A 7 9.39 -3.60 -3.08
C ASP A 7 9.48 -4.55 -1.88
N PRO A 8 8.89 -5.79 -1.95
CA PRO A 8 8.88 -6.76 -0.80
C PRO A 8 10.29 -7.19 -0.39
N LEU A 9 11.22 -7.20 -1.37
CA LEU A 9 12.62 -7.62 -1.16
C LEU A 9 13.38 -6.56 -0.30
N ALA A 10 12.84 -5.32 -0.25
CA ALA A 10 13.37 -4.24 0.63
C ALA A 10 13.29 -4.61 2.13
N GLY A 11 12.37 -5.55 2.45
CA GLY A 11 12.16 -6.02 3.82
C GLY A 11 10.74 -5.78 4.30
N ILE A 12 9.95 -5.00 3.54
CA ILE A 12 8.54 -4.70 3.89
C ILE A 12 7.61 -5.88 3.54
N SER A 13 6.38 -5.85 4.09
CA SER A 13 5.40 -6.96 3.95
C SER A 13 4.15 -6.53 3.14
N LEU A 14 4.14 -6.82 1.83
CA LEU A 14 2.96 -6.67 0.99
C LEU A 14 1.96 -7.81 1.25
N PRO A 15 0.62 -7.53 1.31
CA PRO A 15 -0.43 -8.58 1.41
C PRO A 15 -0.46 -9.52 0.19
N GLU A 16 -1.19 -10.64 0.31
CA GLU A 16 -1.39 -11.60 -0.78
C GLU A 16 -2.09 -10.93 -1.98
N GLY A 17 -1.55 -11.16 -3.20
CA GLY A 17 -2.09 -10.56 -4.42
C GLY A 17 -1.56 -9.16 -4.70
N VAL A 18 -0.59 -8.69 -3.89
CA VAL A 18 0.03 -7.36 -4.07
C VAL A 18 1.50 -7.51 -4.50
N ASP A 19 1.73 -7.34 -5.81
CA ASP A 19 3.08 -7.22 -6.38
C ASP A 19 3.41 -5.73 -6.58
N PRO A 20 4.72 -5.33 -6.53
CA PRO A 20 5.14 -3.95 -6.83
C PRO A 20 5.05 -3.61 -8.33
N SER A 21 4.62 -4.57 -9.17
CA SER A 21 4.48 -4.40 -10.62
C SER A 21 3.39 -3.36 -10.95
N PHE A 22 2.13 -3.63 -10.52
CA PHE A 22 1.01 -2.67 -10.72
C PHE A 22 1.18 -1.46 -9.79
N LEU A 23 1.80 -1.71 -8.64
CA LEU A 23 1.98 -0.74 -7.57
C LEU A 23 2.95 0.39 -8.02
N ALA A 24 3.92 0.03 -8.89
CA ALA A 24 4.91 0.99 -9.45
C ALA A 24 4.47 1.55 -10.80
N ALA A 25 4.15 0.63 -11.75
CA ALA A 25 3.88 0.98 -13.16
C ALA A 25 2.65 1.87 -13.32
N LEU A 26 1.57 1.51 -12.62
CA LEU A 26 0.33 2.30 -12.60
C LEU A 26 0.50 3.45 -11.58
N PRO A 27 -0.01 4.70 -11.89
CA PRO A 27 0.18 5.88 -11.03
C PRO A 27 -0.47 5.71 -9.63
N ASP A 28 -0.12 6.61 -8.70
CA ASP A 28 -0.47 6.47 -7.26
C ASP A 28 -1.98 6.36 -7.01
N ASP A 29 -2.79 6.96 -7.90
CA ASP A 29 -4.25 7.08 -7.70
C ASP A 29 -4.94 5.71 -7.60
N ILE A 30 -4.80 4.90 -8.68
CA ILE A 30 -5.48 3.59 -8.75
C ILE A 30 -4.70 2.53 -8.00
N ARG A 31 -3.35 2.67 -7.93
CA ARG A 31 -2.50 1.65 -7.28
C ARG A 31 -2.79 1.58 -5.75
N ARG A 32 -3.01 2.76 -5.14
CA ARG A 32 -3.30 2.86 -3.70
C ARG A 32 -4.75 2.45 -3.41
N GLU A 33 -5.71 2.80 -4.31
CA GLU A 33 -7.13 2.45 -4.08
C GLU A 33 -7.37 0.95 -4.27
N VAL A 34 -6.68 0.31 -5.24
CA VAL A 34 -6.78 -1.16 -5.43
C VAL A 34 -6.19 -1.91 -4.22
N LEU A 35 -5.14 -1.35 -3.60
CA LEU A 35 -4.56 -1.90 -2.35
C LEU A 35 -5.62 -1.95 -1.22
N GLN A 36 -6.22 -0.78 -0.91
CA GLN A 36 -7.18 -0.66 0.22
C GLN A 36 -8.55 -1.31 -0.10
N ASN A 37 -8.92 -1.39 -1.39
CA ASN A 37 -10.20 -2.02 -1.81
C ASN A 37 -10.12 -3.55 -1.74
N GLN A 38 -9.10 -4.12 -2.42
CA GLN A 38 -8.95 -5.58 -2.58
C GLN A 38 -8.70 -6.30 -1.26
N LEU A 39 -7.84 -5.70 -0.39
CA LEU A 39 -7.44 -6.34 0.88
C LEU A 39 -8.21 -5.75 2.07
N GLY A 40 -8.63 -4.48 1.96
CA GLY A 40 -9.22 -3.77 3.09
C GLY A 40 -8.20 -3.44 4.16
N ILE A 41 -6.98 -3.10 3.72
CA ILE A 41 -5.83 -2.81 4.61
C ILE A 41 -5.62 -1.28 4.66
N ARG A 42 -5.66 -0.70 5.87
CA ARG A 42 -5.38 0.72 6.08
C ARG A 42 -3.89 0.91 6.45
N PRO A 43 -3.14 1.83 5.78
CA PRO A 43 -1.77 2.20 6.19
C PRO A 43 -1.65 2.75 7.66
N PRO A 44 -2.54 3.70 8.16
CA PRO A 44 -2.40 4.26 9.52
C PRO A 44 -3.02 3.36 10.64
N THR A 45 -2.34 3.34 11.79
CA THR A 45 -2.87 2.76 13.03
C THR A 45 -2.84 3.84 14.12
N ARG A 46 -3.90 3.91 14.95
CA ARG A 46 -4.02 4.92 16.01
C ARG A 46 -3.02 4.60 17.15
N THR A 47 -1.84 5.23 17.08
CA THR A 47 -0.79 5.11 18.09
C THR A 47 -0.53 6.49 18.70
N ALA A 48 -0.84 6.65 20.01
CA ALA A 48 -0.79 7.93 20.75
C ALA A 48 -1.79 8.94 20.12
N PRO A 49 -3.10 8.89 20.52
CA PRO A 49 -4.16 9.73 19.91
C PRO A 49 -4.10 11.22 20.35
N SER A 50 -5.01 12.02 19.80
CA SER A 50 -5.15 13.46 20.12
C SER A 50 -6.65 13.80 20.19
N THR A 51 -7.02 14.74 21.09
CA THR A 51 -8.41 15.18 21.24
C THR A 51 -8.87 15.92 19.97
N ASN A 52 -10.15 15.77 19.63
CA ASN A 52 -10.77 16.37 18.43
C ASN A 52 -11.06 17.87 18.70
N SER A 53 -10.55 18.74 17.83
CA SER A 53 -10.65 20.20 17.98
C SER A 53 -11.43 20.80 16.78
N THR A 1 15.24 -2.55 -16.50
CA THR A 1 15.41 -1.71 -15.30
C THR A 1 14.45 -0.50 -15.34
N SER A 2 14.20 0.11 -14.18
CA SER A 2 13.33 1.30 -14.05
C SER A 2 13.95 2.30 -13.06
N SER A 3 13.25 3.41 -12.81
CA SER A 3 13.61 4.39 -11.76
C SER A 3 12.39 4.65 -10.85
N GLU A 4 11.34 3.82 -11.00
CA GLU A 4 10.05 4.01 -10.31
C GLU A 4 9.61 2.74 -9.56
N GLU A 5 10.41 1.65 -9.63
CA GLU A 5 10.06 0.36 -8.99
C GLU A 5 10.17 0.45 -7.46
N GLU A 6 9.26 -0.24 -6.74
CA GLU A 6 9.26 -0.33 -5.28
C GLU A 6 9.30 -1.81 -4.85
N ASP A 7 10.51 -2.36 -4.76
CA ASP A 7 10.73 -3.78 -4.47
C ASP A 7 10.50 -4.06 -2.95
N PRO A 8 9.95 -5.26 -2.53
CA PRO A 8 9.80 -5.65 -1.09
C PRO A 8 11.12 -5.59 -0.28
N LEU A 9 12.28 -5.68 -0.98
CA LEU A 9 13.61 -5.57 -0.34
C LEU A 9 14.04 -4.09 -0.15
N ALA A 10 13.09 -3.16 -0.38
CA ALA A 10 13.21 -1.75 0.04
C ALA A 10 12.77 -1.60 1.52
N GLY A 11 12.39 -2.73 2.14
CA GLY A 11 11.93 -2.77 3.53
C GLY A 11 10.42 -2.75 3.66
N ILE A 12 9.72 -2.68 2.52
CA ILE A 12 8.24 -2.64 2.49
C ILE A 12 7.67 -4.07 2.42
N SER A 13 6.44 -4.22 2.95
CA SER A 13 5.73 -5.52 3.01
C SER A 13 4.45 -5.45 2.18
N LEU A 14 4.49 -6.04 0.98
CA LEU A 14 3.32 -6.13 0.08
C LEU A 14 2.54 -7.42 0.42
N PRO A 15 1.22 -7.31 0.83
CA PRO A 15 0.32 -8.47 1.07
C PRO A 15 0.21 -9.45 -0.13
N GLU A 16 -0.52 -10.56 0.07
CA GLU A 16 -0.68 -11.61 -0.96
C GLU A 16 -1.57 -11.09 -2.11
N GLY A 17 -1.10 -11.30 -3.36
CA GLY A 17 -1.77 -10.78 -4.56
C GLY A 17 -1.26 -9.41 -4.97
N VAL A 18 -0.62 -8.70 -4.02
CA VAL A 18 -0.09 -7.35 -4.24
C VAL A 18 1.33 -7.44 -4.81
N ASP A 19 1.40 -7.48 -6.14
CA ASP A 19 2.65 -7.42 -6.88
C ASP A 19 3.03 -5.93 -7.07
N PRO A 20 4.19 -5.46 -6.52
CA PRO A 20 4.63 -4.05 -6.64
C PRO A 20 4.94 -3.60 -8.08
N SER A 21 4.87 -4.55 -9.04
CA SER A 21 4.97 -4.25 -10.46
C SER A 21 3.86 -3.28 -10.91
N PHE A 22 2.57 -3.58 -10.56
CA PHE A 22 1.43 -2.71 -10.95
C PHE A 22 1.37 -1.43 -10.09
N LEU A 23 1.91 -1.49 -8.86
CA LEU A 23 1.98 -0.31 -7.97
C LEU A 23 2.94 0.75 -8.54
N ALA A 24 4.03 0.27 -9.14
CA ALA A 24 5.13 1.10 -9.66
C ALA A 24 4.90 1.51 -11.13
N ALA A 25 4.37 0.56 -11.93
CA ALA A 25 4.18 0.76 -13.39
C ALA A 25 3.00 1.69 -13.66
N LEU A 26 1.95 1.54 -12.86
CA LEU A 26 0.74 2.37 -12.93
C LEU A 26 0.88 3.55 -11.92
N PRO A 27 0.12 4.70 -12.08
CA PRO A 27 0.24 5.90 -11.19
C PRO A 27 -0.21 5.62 -9.72
N ASP A 28 -0.29 6.69 -8.91
CA ASP A 28 -0.62 6.59 -7.47
C ASP A 28 -2.10 6.26 -7.24
N ASP A 29 -2.95 6.78 -8.10
CA ASP A 29 -4.41 6.84 -7.90
C ASP A 29 -5.01 5.45 -7.69
N ILE A 30 -4.72 4.56 -8.64
CA ILE A 30 -5.24 3.20 -8.62
C ILE A 30 -4.46 2.32 -7.64
N ARG A 31 -3.17 2.65 -7.37
CA ARG A 31 -2.32 1.79 -6.50
C ARG A 31 -2.84 1.83 -5.04
N ARG A 32 -3.29 3.03 -4.61
CA ARG A 32 -3.86 3.21 -3.27
C ARG A 32 -5.29 2.64 -3.20
N GLU A 33 -6.12 2.86 -4.26
CA GLU A 33 -7.52 2.38 -4.25
C GLU A 33 -7.59 0.84 -4.28
N VAL A 34 -6.68 0.18 -5.04
CA VAL A 34 -6.64 -1.29 -5.10
C VAL A 34 -6.16 -1.89 -3.76
N LEU A 35 -5.16 -1.23 -3.12
CA LEU A 35 -4.58 -1.73 -1.84
C LEU A 35 -5.66 -1.85 -0.73
N GLN A 36 -6.44 -0.77 -0.56
CA GLN A 36 -7.51 -0.70 0.47
C GLN A 36 -8.74 -1.57 0.08
N ASN A 37 -9.07 -1.63 -1.22
CA ASN A 37 -10.27 -2.37 -1.70
C ASN A 37 -10.07 -3.89 -1.72
N GLN A 38 -8.83 -4.34 -1.95
CA GLN A 38 -8.49 -5.78 -2.04
C GLN A 38 -8.29 -6.41 -0.66
N LEU A 39 -7.50 -5.74 0.19
CA LEU A 39 -7.07 -6.32 1.49
C LEU A 39 -7.76 -5.60 2.68
N GLY A 40 -7.98 -4.26 2.52
CA GLY A 40 -8.46 -3.43 3.63
C GLY A 40 -7.34 -2.90 4.52
N ILE A 41 -6.08 -3.23 4.15
CA ILE A 41 -4.89 -2.87 4.91
C ILE A 41 -4.59 -1.35 4.74
N ARG A 42 -4.40 -0.66 5.87
CA ARG A 42 -4.02 0.76 5.89
C ARG A 42 -2.63 0.93 6.55
N PRO A 43 -1.69 1.70 5.91
CA PRO A 43 -0.39 2.04 6.53
C PRO A 43 -0.49 2.83 7.89
N PRO A 44 -1.39 3.87 8.08
CA PRO A 44 -1.46 4.62 9.37
C PRO A 44 -2.14 3.82 10.51
N THR A 45 -2.26 4.48 11.67
CA THR A 45 -2.86 3.88 12.87
C THR A 45 -4.34 3.48 12.64
N ARG A 46 -4.70 2.28 13.14
CA ARG A 46 -6.08 1.78 13.10
C ARG A 46 -6.82 2.35 14.31
N THR A 47 -7.52 3.47 14.07
CA THR A 47 -8.28 4.22 15.09
C THR A 47 -9.77 3.83 15.04
N ALA A 48 -10.07 2.67 14.41
CA ALA A 48 -11.41 2.21 14.08
C ALA A 48 -12.17 3.26 13.22
N PRO A 49 -11.82 3.37 11.89
CA PRO A 49 -12.53 4.27 10.95
C PRO A 49 -13.80 3.62 10.33
N SER A 50 -14.20 2.46 10.89
CA SER A 50 -15.40 1.72 10.45
C SER A 50 -16.68 2.44 10.93
N THR A 51 -17.12 3.42 10.14
CA THR A 51 -18.31 4.23 10.43
C THR A 51 -19.57 3.57 9.86
N ASN A 52 -20.73 3.83 10.50
CA ASN A 52 -22.03 3.29 10.06
C ASN A 52 -22.52 4.04 8.82
N SER A 53 -22.55 3.34 7.67
CA SER A 53 -23.01 3.89 6.41
C SER A 53 -23.66 2.74 5.60
N THR A 1 10.82 8.81 -0.26
CA THR A 1 9.63 8.13 0.26
C THR A 1 8.68 7.77 -0.90
N SER A 2 8.67 6.48 -1.29
CA SER A 2 7.86 5.98 -2.42
C SER A 2 6.69 5.13 -1.89
N SER A 3 5.58 5.16 -2.63
CA SER A 3 4.38 4.34 -2.36
C SER A 3 4.14 3.36 -3.53
N GLU A 4 4.66 3.71 -4.71
CA GLU A 4 4.51 2.90 -5.92
C GLU A 4 5.56 1.78 -5.98
N GLU A 5 6.79 2.07 -5.50
CA GLU A 5 7.94 1.14 -5.59
C GLU A 5 8.06 0.28 -4.32
N GLU A 6 7.00 0.24 -3.49
CA GLU A 6 6.94 -0.57 -2.27
C GLU A 6 7.18 -2.07 -2.60
N ASP A 7 8.42 -2.50 -2.39
CA ASP A 7 8.89 -3.86 -2.64
C ASP A 7 8.73 -4.70 -1.35
N PRO A 8 8.09 -5.92 -1.41
CA PRO A 8 7.80 -6.74 -0.18
C PRO A 8 9.08 -7.12 0.58
N LEU A 9 10.19 -7.31 -0.15
CA LEU A 9 11.49 -7.74 0.42
C LEU A 9 12.20 -6.56 1.11
N ALA A 10 11.89 -5.32 0.67
CA ALA A 10 12.45 -4.07 1.25
C ALA A 10 12.15 -3.92 2.75
N GLY A 11 11.09 -4.61 3.22
CA GLY A 11 10.71 -4.61 4.64
C GLY A 11 9.65 -3.58 4.98
N ILE A 12 9.22 -2.83 3.97
CA ILE A 12 8.13 -1.82 4.09
C ILE A 12 6.77 -2.50 4.37
N SER A 13 5.76 -1.71 4.76
CA SER A 13 4.42 -2.22 5.10
C SER A 13 3.59 -2.49 3.83
N LEU A 14 3.75 -3.71 3.29
CA LEU A 14 2.99 -4.19 2.13
C LEU A 14 2.19 -5.43 2.57
N PRO A 15 0.83 -5.45 2.38
CA PRO A 15 -0.03 -6.58 2.82
C PRO A 15 0.08 -7.84 1.90
N GLU A 16 -0.91 -8.72 2.01
CA GLU A 16 -1.02 -9.94 1.18
C GLU A 16 -1.65 -9.61 -0.19
N GLY A 17 -1.39 -10.47 -1.19
CA GLY A 17 -2.09 -10.45 -2.49
C GLY A 17 -1.89 -9.18 -3.32
N VAL A 18 -0.85 -8.41 -3.00
CA VAL A 18 -0.51 -7.14 -3.68
C VAL A 18 0.85 -7.31 -4.40
N ASP A 19 1.00 -6.64 -5.55
CA ASP A 19 2.16 -6.83 -6.43
C ASP A 19 2.72 -5.44 -6.85
N PRO A 20 4.04 -5.16 -6.61
CA PRO A 20 4.63 -3.83 -6.88
C PRO A 20 4.92 -3.53 -8.37
N SER A 21 4.56 -4.45 -9.31
CA SER A 21 4.79 -4.23 -10.74
C SER A 21 3.79 -3.18 -11.28
N PHE A 22 2.47 -3.45 -11.12
CA PHE A 22 1.41 -2.50 -11.57
C PHE A 22 1.35 -1.25 -10.67
N LEU A 23 1.84 -1.40 -9.43
CA LEU A 23 2.01 -0.27 -8.48
C LEU A 23 3.04 0.75 -9.03
N ALA A 24 4.23 0.25 -9.41
CA ALA A 24 5.37 1.10 -9.85
C ALA A 24 5.22 1.58 -11.30
N ALA A 25 4.50 0.80 -12.12
CA ALA A 25 4.29 1.12 -13.55
C ALA A 25 3.19 2.16 -13.72
N LEU A 26 2.05 1.92 -13.06
CA LEU A 26 0.83 2.76 -13.15
C LEU A 26 0.78 3.74 -11.96
N PRO A 27 0.15 4.95 -12.13
CA PRO A 27 0.14 6.06 -11.09
C PRO A 27 -0.48 5.62 -9.74
N ASP A 28 -0.03 6.26 -8.63
CA ASP A 28 -0.37 5.89 -7.22
C ASP A 28 -1.89 5.77 -6.96
N ASP A 29 -2.69 6.42 -7.82
CA ASP A 29 -4.16 6.37 -7.77
C ASP A 29 -4.67 4.93 -7.73
N ILE A 30 -4.17 4.09 -8.66
CA ILE A 30 -4.60 2.69 -8.78
C ILE A 30 -4.04 1.86 -7.60
N ARG A 31 -2.85 2.25 -7.11
CA ARG A 31 -2.11 1.51 -6.07
C ARG A 31 -2.84 1.65 -4.73
N ARG A 32 -3.31 2.86 -4.41
CA ARG A 32 -3.96 3.13 -3.13
C ARG A 32 -5.39 2.57 -3.12
N GLU A 33 -6.07 2.54 -4.30
CA GLU A 33 -7.44 2.02 -4.39
C GLU A 33 -7.45 0.48 -4.33
N VAL A 34 -6.49 -0.20 -5.01
CA VAL A 34 -6.37 -1.68 -4.94
C VAL A 34 -5.97 -2.12 -3.52
N LEU A 35 -5.20 -1.25 -2.83
CA LEU A 35 -4.79 -1.48 -1.42
C LEU A 35 -6.03 -1.57 -0.49
N GLN A 36 -6.90 -0.56 -0.61
CA GLN A 36 -8.11 -0.41 0.22
C GLN A 36 -9.21 -1.41 -0.19
N ASN A 37 -9.40 -1.62 -1.50
CA ASN A 37 -10.45 -2.51 -2.02
C ASN A 37 -10.13 -3.98 -1.72
N GLN A 38 -8.92 -4.43 -2.12
CA GLN A 38 -8.52 -5.83 -1.98
C GLN A 38 -8.43 -6.26 -0.50
N LEU A 39 -7.64 -5.51 0.30
CA LEU A 39 -7.29 -5.92 1.67
C LEU A 39 -8.09 -5.15 2.73
N GLY A 40 -8.35 -3.85 2.45
CA GLY A 40 -8.99 -2.97 3.44
C GLY A 40 -8.02 -2.43 4.47
N ILE A 41 -6.71 -2.64 4.23
CA ILE A 41 -5.65 -2.13 5.09
C ILE A 41 -5.54 -0.60 4.91
N ARG A 42 -5.70 0.13 6.03
CA ARG A 42 -5.58 1.59 6.04
C ARG A 42 -4.25 1.97 6.72
N PRO A 43 -3.40 2.82 6.06
CA PRO A 43 -2.28 3.50 6.76
C PRO A 43 -2.74 4.43 7.93
N PRO A 44 -3.85 5.30 7.81
CA PRO A 44 -4.30 6.17 8.93
C PRO A 44 -5.06 5.40 10.03
N THR A 45 -4.30 4.77 10.94
CA THR A 45 -4.85 4.10 12.13
C THR A 45 -5.21 5.17 13.19
N ARG A 46 -6.49 5.20 13.60
CA ARG A 46 -7.02 6.20 14.53
C ARG A 46 -6.52 5.91 15.97
N THR A 47 -5.42 6.60 16.34
CA THR A 47 -4.73 6.42 17.63
C THR A 47 -5.35 7.32 18.72
N ALA A 48 -6.56 6.94 19.17
CA ALA A 48 -7.35 7.66 20.20
C ALA A 48 -7.61 9.14 19.84
N PRO A 49 -8.35 9.44 18.72
CA PRO A 49 -8.72 10.81 18.32
C PRO A 49 -10.13 11.22 18.80
N SER A 50 -10.85 10.29 19.47
CA SER A 50 -12.26 10.47 19.83
C SER A 50 -12.55 9.80 21.18
N THR A 51 -13.29 10.51 22.05
CA THR A 51 -13.69 10.00 23.36
C THR A 51 -14.78 8.91 23.19
N ASN A 52 -14.34 7.64 23.16
CA ASN A 52 -15.25 6.48 23.13
C ASN A 52 -15.72 6.13 24.54
N SER A 53 -16.95 5.62 24.65
CA SER A 53 -17.57 5.26 25.94
C SER A 53 -18.31 3.90 25.79
N THR A 1 8.69 11.47 -0.78
CA THR A 1 8.63 10.00 -0.75
C THR A 1 8.00 9.47 -2.06
N SER A 2 8.81 8.76 -2.87
CA SER A 2 8.42 8.28 -4.20
C SER A 2 7.54 7.01 -4.11
N SER A 3 6.20 7.22 -4.06
CA SER A 3 5.20 6.12 -4.12
C SER A 3 5.05 5.57 -5.56
N GLU A 4 5.77 6.21 -6.51
CA GLU A 4 5.83 5.79 -7.93
C GLU A 4 6.51 4.42 -8.11
N GLU A 5 7.22 3.95 -7.06
CA GLU A 5 7.81 2.61 -7.01
C GLU A 5 7.73 2.10 -5.56
N GLU A 6 7.23 0.87 -5.38
CA GLU A 6 7.08 0.24 -4.06
C GLU A 6 7.64 -1.19 -4.13
N ASP A 7 8.85 -1.39 -3.60
CA ASP A 7 9.62 -2.64 -3.74
C ASP A 7 9.53 -3.50 -2.46
N PRO A 8 9.12 -4.82 -2.55
CA PRO A 8 8.90 -5.70 -1.37
C PRO A 8 10.21 -6.10 -0.66
N LEU A 9 11.35 -6.08 -1.40
CA LEU A 9 12.67 -6.46 -0.85
C LEU A 9 13.32 -5.27 -0.12
N ALA A 10 12.77 -4.05 -0.33
CA ALA A 10 13.20 -2.83 0.40
C ALA A 10 12.92 -2.93 1.91
N GLY A 11 12.13 -3.94 2.32
CA GLY A 11 11.83 -4.20 3.73
C GLY A 11 10.57 -3.52 4.22
N ILE A 12 9.81 -2.89 3.29
CA ILE A 12 8.53 -2.25 3.61
C ILE A 12 7.37 -3.29 3.63
N SER A 13 6.28 -2.95 4.32
CA SER A 13 5.17 -3.86 4.56
C SER A 13 4.12 -3.78 3.43
N LEU A 14 4.17 -4.76 2.51
CA LEU A 14 3.10 -5.00 1.52
C LEU A 14 2.23 -6.18 2.00
N PRO A 15 0.87 -6.05 1.96
CA PRO A 15 -0.03 -7.19 2.25
C PRO A 15 -0.08 -8.19 1.07
N GLU A 16 -0.77 -9.32 1.29
CA GLU A 16 -0.81 -10.45 0.35
C GLU A 16 -1.63 -10.12 -0.93
N GLY A 17 -1.16 -10.63 -2.08
CA GLY A 17 -1.83 -10.40 -3.38
C GLY A 17 -1.48 -9.05 -4.01
N VAL A 18 -0.53 -8.32 -3.42
CA VAL A 18 -0.08 -7.00 -3.91
C VAL A 18 1.30 -7.13 -4.57
N ASP A 19 1.32 -7.01 -5.90
CA ASP A 19 2.56 -7.06 -6.70
C ASP A 19 3.16 -5.66 -6.87
N PRO A 20 4.53 -5.50 -6.81
CA PRO A 20 5.22 -4.22 -7.12
C PRO A 20 5.09 -3.82 -8.61
N SER A 21 4.62 -4.77 -9.43
CA SER A 21 4.44 -4.57 -10.88
C SER A 21 3.53 -3.36 -11.17
N PHE A 22 2.29 -3.39 -10.67
CA PHE A 22 1.31 -2.29 -10.90
C PHE A 22 1.64 -1.06 -10.02
N LEU A 23 2.35 -1.28 -8.90
CA LEU A 23 2.75 -0.18 -7.98
C LEU A 23 3.80 0.73 -8.65
N ALA A 24 4.69 0.11 -9.46
CA ALA A 24 5.80 0.80 -10.15
C ALA A 24 5.41 1.23 -11.58
N ALA A 25 4.52 0.45 -12.23
CA ALA A 25 4.12 0.69 -13.63
C ALA A 25 3.05 1.77 -13.74
N LEU A 26 2.11 1.74 -12.80
CA LEU A 26 0.89 2.58 -12.81
C LEU A 26 1.00 3.68 -11.73
N PRO A 27 0.18 4.81 -11.80
CA PRO A 27 0.24 5.92 -10.79
C PRO A 27 -0.24 5.51 -9.37
N ASP A 28 -0.27 6.49 -8.45
CA ASP A 28 -0.68 6.26 -7.05
C ASP A 28 -2.22 6.05 -6.94
N ASP A 29 -2.99 6.63 -7.87
CA ASP A 29 -4.47 6.71 -7.79
C ASP A 29 -5.14 5.31 -7.70
N ILE A 30 -4.80 4.45 -8.67
CA ILE A 30 -5.37 3.10 -8.73
C ILE A 30 -4.64 2.16 -7.73
N ARG A 31 -3.35 2.43 -7.43
CA ARG A 31 -2.55 1.55 -6.55
C ARG A 31 -3.07 1.64 -5.10
N ARG A 32 -3.48 2.86 -4.70
CA ARG A 32 -4.00 3.13 -3.35
C ARG A 32 -5.43 2.58 -3.21
N GLU A 33 -6.28 2.72 -4.27
CA GLU A 33 -7.69 2.24 -4.20
C GLU A 33 -7.74 0.71 -4.18
N VAL A 34 -6.92 0.03 -5.03
CA VAL A 34 -6.88 -1.46 -5.07
C VAL A 34 -6.33 -2.03 -3.74
N LEU A 35 -5.40 -1.28 -3.11
CA LEU A 35 -4.83 -1.64 -1.81
C LEU A 35 -5.90 -1.63 -0.69
N GLN A 36 -6.68 -0.54 -0.64
CA GLN A 36 -7.68 -0.30 0.42
C GLN A 36 -8.97 -1.12 0.17
N ASN A 37 -9.37 -1.28 -1.11
CA ASN A 37 -10.60 -2.00 -1.48
C ASN A 37 -10.44 -3.51 -1.26
N GLN A 38 -9.37 -4.08 -1.86
CA GLN A 38 -9.10 -5.53 -1.83
C GLN A 38 -8.75 -6.00 -0.40
N LEU A 39 -7.74 -5.35 0.21
CA LEU A 39 -7.19 -5.78 1.51
C LEU A 39 -7.95 -5.13 2.66
N GLY A 40 -8.15 -3.80 2.59
CA GLY A 40 -8.75 -3.04 3.67
C GLY A 40 -7.75 -2.35 4.58
N ILE A 41 -6.44 -2.60 4.34
CA ILE A 41 -5.35 -2.02 5.16
C ILE A 41 -5.35 -0.48 5.05
N ARG A 42 -5.37 0.19 6.21
CA ARG A 42 -5.32 1.65 6.30
C ARG A 42 -3.92 2.08 6.80
N PRO A 43 -3.25 3.07 6.14
CA PRO A 43 -2.02 3.70 6.68
C PRO A 43 -2.23 4.39 8.08
N PRO A 44 -3.32 5.23 8.34
CA PRO A 44 -3.52 5.87 9.66
C PRO A 44 -4.14 4.89 10.70
N THR A 45 -3.25 4.19 11.42
CA THR A 45 -3.65 3.24 12.48
C THR A 45 -4.40 3.97 13.61
N ARG A 46 -5.64 3.52 13.88
CA ARG A 46 -6.50 4.11 14.90
C ARG A 46 -5.93 3.83 16.32
N THR A 47 -5.21 4.85 16.83
CA THR A 47 -4.59 4.83 18.16
C THR A 47 -5.56 5.41 19.21
N ALA A 48 -6.85 5.06 19.06
CA ALA A 48 -7.96 5.56 19.89
C ALA A 48 -8.27 4.57 21.02
N PRO A 49 -7.94 4.90 22.32
CA PRO A 49 -8.36 4.09 23.48
C PRO A 49 -9.85 4.33 23.85
N SER A 50 -10.34 3.56 24.83
CA SER A 50 -11.75 3.64 25.28
C SER A 50 -11.92 4.81 26.27
N THR A 51 -11.91 6.04 25.72
CA THR A 51 -12.04 7.28 26.47
C THR A 51 -13.11 8.18 25.83
N ASN A 52 -14.30 8.19 26.43
CA ASN A 52 -15.36 9.15 26.08
C ASN A 52 -15.30 10.32 27.08
N SER A 53 -15.05 11.53 26.56
CA SER A 53 -14.83 12.73 27.39
C SER A 53 -15.29 13.98 26.60
N THR A 1 7.74 12.36 1.45
CA THR A 1 7.97 10.95 1.11
C THR A 1 7.57 10.66 -0.35
N SER A 2 8.35 9.80 -1.02
CA SER A 2 8.05 9.28 -2.37
C SER A 2 7.36 7.91 -2.26
N SER A 3 6.50 7.61 -3.25
CA SER A 3 5.78 6.32 -3.32
C SER A 3 5.84 5.78 -4.77
N GLU A 4 6.94 6.10 -5.47
CA GLU A 4 7.08 5.86 -6.93
C GLU A 4 7.06 4.36 -7.27
N GLU A 5 7.67 3.58 -6.36
CA GLU A 5 7.68 2.11 -6.40
C GLU A 5 7.59 1.56 -4.97
N GLU A 6 6.63 0.64 -4.73
CA GLU A 6 6.46 -0.02 -3.43
C GLU A 6 6.82 -1.50 -3.61
N ASP A 7 8.06 -1.82 -3.23
CA ASP A 7 8.74 -3.08 -3.59
C ASP A 7 9.29 -3.74 -2.32
N PRO A 8 9.18 -5.10 -2.15
CA PRO A 8 9.63 -5.81 -0.90
C PRO A 8 11.15 -5.64 -0.62
N LEU A 9 11.96 -5.49 -1.68
CA LEU A 9 13.44 -5.32 -1.58
C LEU A 9 13.81 -3.92 -1.04
N ALA A 10 12.84 -2.98 -1.08
CA ALA A 10 13.01 -1.63 -0.51
C ALA A 10 13.12 -1.67 1.03
N GLY A 11 12.70 -2.81 1.61
CA GLY A 11 12.70 -2.99 3.08
C GLY A 11 11.31 -2.90 3.68
N ILE A 12 10.27 -2.93 2.82
CA ILE A 12 8.86 -2.92 3.26
C ILE A 12 8.19 -4.28 3.00
N SER A 13 7.15 -4.58 3.79
CA SER A 13 6.39 -5.83 3.68
C SER A 13 5.02 -5.57 3.01
N LEU A 14 4.93 -5.91 1.72
CA LEU A 14 3.66 -5.87 0.96
C LEU A 14 2.69 -6.95 1.51
N PRO A 15 1.35 -6.65 1.57
CA PRO A 15 0.33 -7.62 2.03
C PRO A 15 0.17 -8.81 1.04
N GLU A 16 -0.50 -9.89 1.48
CA GLU A 16 -0.68 -11.14 0.71
C GLU A 16 -1.40 -10.84 -0.64
N GLY A 17 -0.84 -11.39 -1.74
CA GLY A 17 -1.42 -11.25 -3.07
C GLY A 17 -1.21 -9.89 -3.71
N VAL A 18 -0.13 -9.19 -3.30
CA VAL A 18 0.25 -7.89 -3.89
C VAL A 18 1.65 -8.00 -4.53
N ASP A 19 1.76 -7.51 -5.75
CA ASP A 19 2.98 -7.57 -6.56
C ASP A 19 3.42 -6.13 -6.92
N PRO A 20 4.74 -5.79 -6.79
CA PRO A 20 5.24 -4.41 -7.02
C PRO A 20 5.18 -3.94 -8.48
N SER A 21 4.85 -4.83 -9.44
CA SER A 21 4.78 -4.47 -10.87
C SER A 21 3.64 -3.45 -11.12
N PHE A 22 2.40 -3.79 -10.72
CA PHE A 22 1.26 -2.83 -10.84
C PHE A 22 1.40 -1.68 -9.82
N LEU A 23 2.03 -2.00 -8.67
CA LEU A 23 2.16 -1.06 -7.55
C LEU A 23 3.19 0.05 -7.87
N ALA A 24 4.10 -0.20 -8.83
CA ALA A 24 5.05 0.81 -9.34
C ALA A 24 4.55 1.46 -10.65
N ALA A 25 4.08 0.62 -11.59
CA ALA A 25 3.76 1.04 -12.97
C ALA A 25 2.55 1.97 -13.03
N LEU A 26 1.47 1.58 -12.33
CA LEU A 26 0.22 2.38 -12.27
C LEU A 26 0.46 3.65 -11.41
N PRO A 27 -0.09 4.83 -11.82
CA PRO A 27 0.01 6.09 -11.02
C PRO A 27 -0.71 5.93 -9.66
N ASP A 28 -0.32 6.77 -8.70
CA ASP A 28 -0.64 6.54 -7.26
C ASP A 28 -2.15 6.56 -6.95
N ASP A 29 -2.99 7.11 -7.86
CA ASP A 29 -4.45 7.23 -7.63
C ASP A 29 -5.16 5.86 -7.63
N ILE A 30 -5.04 5.10 -8.74
CA ILE A 30 -5.70 3.78 -8.84
C ILE A 30 -4.86 2.73 -8.09
N ARG A 31 -3.56 3.04 -7.93
CA ARG A 31 -2.61 2.18 -7.21
C ARG A 31 -2.99 2.10 -5.71
N ARG A 32 -3.33 3.27 -5.11
CA ARG A 32 -3.69 3.34 -3.68
C ARG A 32 -5.06 2.69 -3.45
N GLU A 33 -6.04 2.91 -4.37
CA GLU A 33 -7.40 2.37 -4.18
C GLU A 33 -7.43 0.84 -4.34
N VAL A 34 -6.63 0.26 -5.28
CA VAL A 34 -6.57 -1.20 -5.45
C VAL A 34 -5.91 -1.87 -4.22
N LEU A 35 -4.96 -1.16 -3.59
CA LEU A 35 -4.32 -1.62 -2.33
C LEU A 35 -5.37 -1.67 -1.17
N GLN A 36 -6.18 -0.61 -1.07
CA GLN A 36 -7.17 -0.44 0.01
C GLN A 36 -8.40 -1.37 -0.15
N ASN A 37 -8.94 -1.46 -1.37
CA ASN A 37 -10.19 -2.22 -1.66
C ASN A 37 -9.95 -3.74 -1.66
N GLN A 38 -8.80 -4.18 -2.22
CA GLN A 38 -8.48 -5.61 -2.35
C GLN A 38 -8.07 -6.22 -0.99
N LEU A 39 -7.15 -5.55 -0.27
CA LEU A 39 -6.56 -6.09 0.96
C LEU A 39 -7.28 -5.58 2.21
N GLY A 40 -7.57 -4.27 2.21
CA GLY A 40 -8.19 -3.61 3.37
C GLY A 40 -7.20 -3.26 4.48
N ILE A 41 -5.90 -3.37 4.17
CA ILE A 41 -4.83 -2.99 5.08
C ILE A 41 -4.76 -1.45 5.09
N ARG A 42 -4.87 -0.87 6.29
CA ARG A 42 -4.91 0.59 6.49
C ARG A 42 -3.57 1.07 7.09
N PRO A 43 -3.05 2.28 6.67
CA PRO A 43 -1.78 2.82 7.18
C PRO A 43 -1.74 3.25 8.70
N PRO A 44 -2.86 3.78 9.38
CA PRO A 44 -2.75 4.29 10.77
C PRO A 44 -2.53 3.18 11.82
N THR A 45 -1.24 2.88 12.06
CA THR A 45 -0.81 1.94 13.10
C THR A 45 -0.52 2.74 14.39
N ARG A 46 -1.53 2.82 15.28
CA ARG A 46 -1.48 3.67 16.47
C ARG A 46 -0.68 2.99 17.60
N THR A 47 0.62 3.34 17.70
CA THR A 47 1.54 2.80 18.70
C THR A 47 2.12 3.94 19.56
N ALA A 48 1.29 4.44 20.48
CA ALA A 48 1.63 5.52 21.42
C ALA A 48 0.68 5.48 22.63
N PRO A 49 1.17 5.69 23.89
CA PRO A 49 0.30 5.81 25.09
C PRO A 49 -0.51 7.14 25.10
N SER A 50 -0.11 8.07 24.21
CA SER A 50 -0.79 9.35 24.02
C SER A 50 -2.21 9.13 23.45
N THR A 51 -3.20 9.02 24.37
CA THR A 51 -4.61 8.82 24.01
C THR A 51 -5.30 10.18 23.74
N ASN A 52 -5.27 10.59 22.46
CA ASN A 52 -5.97 11.79 21.99
C ASN A 52 -7.49 11.59 22.13
N SER A 53 -8.08 12.22 23.17
CA SER A 53 -9.50 12.08 23.51
C SER A 53 -10.04 13.44 23.98
N THR A 1 17.43 7.34 -5.58
CA THR A 1 16.30 6.39 -5.55
C THR A 1 15.10 6.94 -6.35
N SER A 2 14.16 6.05 -6.69
CA SER A 2 12.90 6.42 -7.37
C SER A 2 11.74 6.34 -6.36
N SER A 3 10.99 7.45 -6.23
CA SER A 3 9.87 7.57 -5.27
C SER A 3 8.55 7.05 -5.87
N GLU A 4 8.60 6.60 -7.13
CA GLU A 4 7.41 6.14 -7.89
C GLU A 4 7.17 4.63 -7.71
N GLU A 5 8.00 3.97 -6.87
CA GLU A 5 8.01 2.51 -6.76
C GLU A 5 8.34 2.05 -5.33
N GLU A 6 7.52 1.10 -4.83
CA GLU A 6 7.70 0.45 -3.53
C GLU A 6 8.27 -0.96 -3.76
N ASP A 7 9.59 -1.10 -3.55
CA ASP A 7 10.32 -2.38 -3.70
C ASP A 7 10.27 -3.17 -2.38
N PRO A 8 9.78 -4.46 -2.36
CA PRO A 8 9.64 -5.26 -1.10
C PRO A 8 10.97 -5.43 -0.32
N LEU A 9 12.08 -5.53 -1.06
CA LEU A 9 13.42 -5.75 -0.47
C LEU A 9 13.99 -4.42 0.12
N ALA A 10 13.40 -3.27 -0.28
CA ALA A 10 13.77 -1.94 0.26
C ALA A 10 13.47 -1.81 1.77
N GLY A 11 12.64 -2.72 2.30
CA GLY A 11 12.28 -2.73 3.72
C GLY A 11 10.96 -2.05 4.02
N ILE A 12 10.26 -1.57 2.97
CA ILE A 12 8.91 -0.97 3.10
C ILE A 12 7.85 -2.07 3.35
N SER A 13 6.71 -1.68 3.96
CA SER A 13 5.64 -2.62 4.34
C SER A 13 4.57 -2.72 3.24
N LEU A 14 4.67 -3.76 2.39
CA LEU A 14 3.60 -4.15 1.46
C LEU A 14 2.89 -5.41 2.01
N PRO A 15 1.52 -5.42 1.99
CA PRO A 15 0.73 -6.62 2.38
C PRO A 15 0.96 -7.82 1.44
N GLU A 16 0.71 -9.04 1.94
CA GLU A 16 0.88 -10.29 1.16
C GLU A 16 -0.25 -10.43 0.12
N GLY A 17 0.10 -10.86 -1.10
CA GLY A 17 -0.88 -11.10 -2.18
C GLY A 17 -0.78 -10.09 -3.32
N VAL A 18 -0.31 -8.87 -3.01
CA VAL A 18 -0.21 -7.78 -4.00
C VAL A 18 1.18 -7.78 -4.69
N ASP A 19 1.21 -7.58 -6.02
CA ASP A 19 2.46 -7.42 -6.78
C ASP A 19 2.84 -5.93 -6.85
N PRO A 20 4.08 -5.54 -6.40
CA PRO A 20 4.60 -4.15 -6.56
C PRO A 20 4.81 -3.76 -8.04
N SER A 21 4.71 -4.74 -8.95
CA SER A 21 4.80 -4.54 -10.41
C SER A 21 3.80 -3.46 -10.89
N PHE A 22 2.48 -3.71 -10.66
CA PHE A 22 1.42 -2.77 -11.09
C PHE A 22 1.29 -1.60 -10.11
N LEU A 23 1.75 -1.78 -8.85
CA LEU A 23 1.77 -0.69 -7.86
C LEU A 23 2.72 0.46 -8.31
N ALA A 24 3.82 0.08 -8.96
CA ALA A 24 4.86 1.01 -9.41
C ALA A 24 4.63 1.45 -10.87
N ALA A 25 4.12 0.52 -11.70
CA ALA A 25 3.88 0.75 -13.14
C ALA A 25 2.66 1.66 -13.39
N LEU A 26 1.74 1.68 -12.42
CA LEU A 26 0.51 2.51 -12.48
C LEU A 26 0.60 3.66 -11.43
N PRO A 27 0.06 4.88 -11.73
CA PRO A 27 0.16 6.08 -10.82
C PRO A 27 -0.61 5.90 -9.49
N ASP A 28 -0.41 6.87 -8.57
CA ASP A 28 -0.86 6.76 -7.17
C ASP A 28 -2.39 6.65 -7.00
N ASP A 29 -3.16 7.02 -8.04
CA ASP A 29 -4.65 7.05 -7.99
C ASP A 29 -5.20 5.63 -7.83
N ILE A 30 -4.86 4.77 -8.81
CA ILE A 30 -5.31 3.37 -8.80
C ILE A 30 -4.38 2.54 -7.90
N ARG A 31 -3.11 2.95 -7.76
CA ARG A 31 -2.14 2.34 -6.83
C ARG A 31 -2.71 2.23 -5.40
N ARG A 32 -3.27 3.35 -4.89
CA ARG A 32 -3.81 3.39 -3.53
C ARG A 32 -5.12 2.62 -3.44
N GLU A 33 -6.05 2.80 -4.44
CA GLU A 33 -7.38 2.17 -4.36
C GLU A 33 -7.28 0.63 -4.45
N VAL A 34 -6.39 0.10 -5.33
CA VAL A 34 -6.21 -1.36 -5.50
C VAL A 34 -5.57 -1.98 -4.24
N LEU A 35 -4.65 -1.24 -3.59
CA LEU A 35 -3.97 -1.71 -2.37
C LEU A 35 -4.99 -1.85 -1.19
N GLN A 36 -5.84 -0.82 -1.05
CA GLN A 36 -6.85 -0.73 0.03
C GLN A 36 -8.01 -1.71 -0.22
N ASN A 37 -8.47 -1.83 -1.48
CA ASN A 37 -9.65 -2.65 -1.85
C ASN A 37 -9.34 -4.16 -1.83
N GLN A 38 -8.14 -4.54 -2.29
CA GLN A 38 -7.73 -5.96 -2.37
C GLN A 38 -7.38 -6.52 -0.98
N LEU A 39 -6.43 -5.87 -0.29
CA LEU A 39 -5.81 -6.42 0.93
C LEU A 39 -6.48 -5.86 2.19
N GLY A 40 -7.13 -4.68 2.07
CA GLY A 40 -7.79 -4.04 3.21
C GLY A 40 -6.84 -3.31 4.14
N ILE A 41 -5.65 -3.00 3.63
CA ILE A 41 -4.61 -2.27 4.39
C ILE A 41 -4.87 -0.74 4.28
N ARG A 42 -4.65 0.00 5.39
CA ARG A 42 -4.87 1.46 5.44
C ARG A 42 -3.51 2.21 5.59
N PRO A 43 -3.19 3.19 4.67
CA PRO A 43 -2.00 4.07 4.79
C PRO A 43 -1.93 4.92 6.11
N PRO A 44 -3.06 5.45 6.72
CA PRO A 44 -2.99 6.14 8.04
C PRO A 44 -2.84 5.14 9.22
N THR A 45 -2.98 5.66 10.46
CA THR A 45 -2.91 4.85 11.68
C THR A 45 -3.98 3.74 11.70
N ARG A 46 -3.57 2.51 12.11
CA ARG A 46 -4.48 1.35 12.19
C ARG A 46 -5.45 1.52 13.38
N THR A 47 -6.62 2.08 13.07
CA THR A 47 -7.71 2.26 14.03
C THR A 47 -8.49 0.94 14.17
N ALA A 48 -8.73 0.29 13.01
CA ALA A 48 -9.15 -1.10 12.95
C ALA A 48 -7.99 -1.92 12.33
N PRO A 49 -7.15 -2.60 13.17
CA PRO A 49 -5.93 -3.34 12.71
C PRO A 49 -6.26 -4.46 11.71
N SER A 50 -7.46 -5.05 11.86
CA SER A 50 -7.99 -6.13 10.98
C SER A 50 -7.10 -7.40 11.01
N THR A 51 -6.37 -7.57 12.14
CA THR A 51 -5.51 -8.73 12.36
C THR A 51 -6.31 -9.86 13.04
N ASN A 52 -6.28 -11.06 12.44
CA ASN A 52 -7.00 -12.23 12.97
C ASN A 52 -6.48 -12.63 14.38
N SER A 53 -7.41 -13.00 15.26
CA SER A 53 -7.12 -13.40 16.64
C SER A 53 -8.16 -14.47 17.08
N THR A 1 8.50 3.26 -1.25
CA THR A 1 8.44 4.67 -1.72
C THR A 1 9.82 5.20 -2.18
N SER A 2 10.88 4.38 -2.05
CA SER A 2 12.27 4.81 -2.31
C SER A 2 12.51 5.21 -3.78
N SER A 3 11.97 4.42 -4.72
CA SER A 3 12.18 4.62 -6.17
C SER A 3 10.83 4.76 -6.90
N GLU A 4 9.83 5.39 -6.23
CA GLU A 4 8.43 5.50 -6.71
C GLU A 4 7.79 4.11 -6.85
N GLU A 5 8.17 3.21 -5.94
CA GLU A 5 7.74 1.82 -5.92
C GLU A 5 7.98 1.23 -4.52
N GLU A 6 7.24 0.15 -4.19
CA GLU A 6 7.35 -0.55 -2.89
C GLU A 6 8.08 -1.88 -3.12
N ASP A 7 9.27 -2.04 -2.51
CA ASP A 7 10.05 -3.30 -2.60
C ASP A 7 9.52 -4.29 -1.54
N PRO A 8 9.15 -5.56 -1.93
CA PRO A 8 8.58 -6.58 -0.99
C PRO A 8 9.56 -7.04 0.12
N LEU A 9 10.88 -6.86 -0.11
CA LEU A 9 11.93 -7.30 0.84
C LEU A 9 12.57 -6.08 1.55
N ALA A 10 11.98 -4.88 1.37
CA ALA A 10 12.47 -3.62 1.98
C ALA A 10 12.34 -3.60 3.52
N GLY A 11 11.54 -4.53 4.06
CA GLY A 11 11.22 -4.55 5.49
C GLY A 11 10.06 -3.63 5.83
N ILE A 12 9.35 -3.16 4.78
CA ILE A 12 8.18 -2.28 4.91
C ILE A 12 6.88 -3.11 4.99
N SER A 13 5.81 -2.46 5.49
CA SER A 13 4.52 -3.13 5.74
C SER A 13 3.70 -3.27 4.44
N LEU A 14 4.02 -4.32 3.67
CA LEU A 14 3.26 -4.71 2.47
C LEU A 14 2.46 -5.99 2.76
N PRO A 15 1.08 -5.92 2.74
CA PRO A 15 0.22 -7.12 2.93
C PRO A 15 0.29 -8.10 1.74
N GLU A 16 -0.25 -9.31 1.93
CA GLU A 16 -0.24 -10.37 0.91
C GLU A 16 -1.33 -10.12 -0.15
N GLY A 17 -0.94 -10.16 -1.44
CA GLY A 17 -1.88 -9.98 -2.55
C GLY A 17 -1.67 -8.69 -3.32
N VAL A 18 -0.67 -7.88 -2.92
CA VAL A 18 -0.30 -6.64 -3.63
C VAL A 18 1.08 -6.82 -4.32
N ASP A 19 1.06 -6.83 -5.67
CA ASP A 19 2.24 -7.05 -6.52
C ASP A 19 2.87 -5.68 -6.89
N PRO A 20 4.23 -5.50 -6.72
CA PRO A 20 4.92 -4.21 -6.94
C PRO A 20 5.01 -3.75 -8.42
N SER A 21 4.67 -4.63 -9.38
CA SER A 21 4.73 -4.27 -10.82
C SER A 21 3.61 -3.29 -11.18
N PHE A 22 2.35 -3.55 -10.77
CA PHE A 22 1.24 -2.59 -10.98
C PHE A 22 1.39 -1.39 -10.01
N LEU A 23 1.98 -1.68 -8.85
CA LEU A 23 2.13 -0.71 -7.76
C LEU A 23 3.16 0.38 -8.14
N ALA A 24 4.11 0.03 -9.05
CA ALA A 24 5.13 0.93 -9.58
C ALA A 24 4.68 1.56 -10.93
N ALA A 25 4.32 0.68 -11.88
CA ALA A 25 4.05 1.05 -13.29
C ALA A 25 2.83 1.98 -13.42
N LEU A 26 1.74 1.59 -12.74
CA LEU A 26 0.51 2.38 -12.66
C LEU A 26 0.69 3.50 -11.61
N PRO A 27 0.12 4.73 -11.85
CA PRO A 27 0.29 5.90 -10.93
C PRO A 27 -0.36 5.67 -9.56
N ASP A 28 -0.14 6.62 -8.64
CA ASP A 28 -0.51 6.47 -7.22
C ASP A 28 -2.03 6.27 -7.00
N ASP A 29 -2.85 6.80 -7.91
CA ASP A 29 -4.32 6.91 -7.75
C ASP A 29 -5.00 5.53 -7.65
N ILE A 30 -4.80 4.69 -8.66
CA ILE A 30 -5.44 3.37 -8.70
C ILE A 30 -4.66 2.36 -7.88
N ARG A 31 -3.32 2.55 -7.74
CA ARG A 31 -2.46 1.61 -7.03
C ARG A 31 -2.77 1.63 -5.51
N ARG A 32 -3.13 2.83 -4.98
CA ARG A 32 -3.52 2.98 -3.56
C ARG A 32 -4.94 2.43 -3.34
N GLU A 33 -5.89 2.68 -4.30
CA GLU A 33 -7.29 2.24 -4.13
C GLU A 33 -7.41 0.71 -4.22
N VAL A 34 -6.63 0.07 -5.13
CA VAL A 34 -6.63 -1.41 -5.29
C VAL A 34 -5.99 -2.08 -4.06
N LEU A 35 -4.97 -1.42 -3.46
CA LEU A 35 -4.36 -1.88 -2.19
C LEU A 35 -5.42 -1.98 -1.07
N GLN A 36 -6.25 -0.93 -0.95
CA GLN A 36 -7.29 -0.84 0.08
C GLN A 36 -8.53 -1.68 -0.28
N ASN A 37 -8.84 -1.82 -1.57
CA ASN A 37 -10.04 -2.57 -2.05
C ASN A 37 -9.83 -4.09 -1.98
N GLN A 38 -8.56 -4.54 -2.11
CA GLN A 38 -8.21 -5.97 -1.99
C GLN A 38 -8.15 -6.40 -0.51
N LEU A 39 -7.38 -5.64 0.30
CA LEU A 39 -7.07 -6.04 1.71
C LEU A 39 -7.99 -5.33 2.71
N GLY A 40 -8.10 -3.99 2.56
CA GLY A 40 -8.78 -3.14 3.54
C GLY A 40 -7.82 -2.50 4.53
N ILE A 41 -6.52 -2.65 4.23
CA ILE A 41 -5.43 -2.06 5.03
C ILE A 41 -5.42 -0.54 4.82
N ARG A 42 -5.49 0.24 5.93
CA ARG A 42 -5.36 1.71 5.88
C ARG A 42 -3.86 2.07 5.91
N PRO A 43 -3.32 2.75 4.85
CA PRO A 43 -1.92 3.29 4.85
C PRO A 43 -1.62 4.31 6.02
N PRO A 44 -2.57 5.28 6.41
CA PRO A 44 -2.30 6.24 7.50
C PRO A 44 -2.24 5.56 8.88
N THR A 45 -1.02 5.43 9.43
CA THR A 45 -0.78 4.92 10.78
C THR A 45 -0.54 6.11 11.73
N ARG A 46 -1.10 6.04 12.95
CA ARG A 46 -0.91 7.07 14.00
C ARG A 46 -0.25 6.41 15.23
N THR A 47 1.05 6.66 15.39
CA THR A 47 1.86 6.14 16.52
C THR A 47 1.82 7.11 17.72
N ALA A 48 1.26 8.31 17.50
CA ALA A 48 1.04 9.32 18.55
C ALA A 48 -0.22 8.97 19.39
N PRO A 49 -0.31 9.41 20.68
CA PRO A 49 -1.49 9.14 21.55
C PRO A 49 -2.71 10.07 21.27
N SER A 50 -2.69 10.75 20.11
CA SER A 50 -3.77 11.62 19.66
C SER A 50 -4.94 10.77 19.08
N THR A 51 -6.12 10.86 19.73
CA THR A 51 -7.35 10.19 19.29
C THR A 51 -8.51 11.21 19.20
N ASN A 52 -9.31 11.11 18.12
CA ASN A 52 -10.57 11.85 18.01
C ASN A 52 -11.62 11.20 18.93
N SER A 53 -11.64 11.65 20.19
CA SER A 53 -12.61 11.21 21.20
C SER A 53 -13.84 12.16 21.17
N THR A 1 5.28 5.03 2.56
CA THR A 1 6.02 4.96 1.28
C THR A 1 5.34 5.84 0.21
N SER A 2 6.03 6.01 -0.93
CA SER A 2 5.51 6.76 -2.09
C SER A 2 4.64 5.82 -2.98
N SER A 3 4.66 6.04 -4.30
CA SER A 3 4.00 5.18 -5.30
C SER A 3 5.00 4.77 -6.40
N GLU A 4 6.30 4.99 -6.15
CA GLU A 4 7.37 4.81 -7.16
C GLU A 4 7.84 3.36 -7.25
N GLU A 5 7.99 2.70 -6.09
CA GLU A 5 8.48 1.30 -5.99
C GLU A 5 8.24 0.74 -4.58
N GLU A 6 7.12 0.02 -4.44
CA GLU A 6 6.74 -0.67 -3.19
C GLU A 6 7.29 -2.10 -3.27
N ASP A 7 8.56 -2.23 -2.87
CA ASP A 7 9.35 -3.45 -3.06
C ASP A 7 9.32 -4.32 -1.79
N PRO A 8 8.88 -5.63 -1.87
CA PRO A 8 8.93 -6.58 -0.73
C PRO A 8 10.39 -6.88 -0.27
N LEU A 9 11.35 -6.76 -1.21
CA LEU A 9 12.77 -6.98 -0.94
C LEU A 9 13.37 -5.79 -0.14
N ALA A 10 12.68 -4.62 -0.17
CA ALA A 10 13.04 -3.45 0.66
C ALA A 10 12.80 -3.71 2.16
N GLY A 11 12.10 -4.83 2.47
CA GLY A 11 11.83 -5.23 3.86
C GLY A 11 10.75 -4.38 4.52
N ILE A 12 9.95 -3.70 3.69
CA ILE A 12 8.89 -2.77 4.14
C ILE A 12 7.58 -3.51 4.46
N SER A 13 6.65 -2.81 5.11
CA SER A 13 5.38 -3.39 5.58
C SER A 13 4.34 -3.43 4.43
N LEU A 14 4.47 -4.44 3.55
CA LEU A 14 3.50 -4.71 2.48
C LEU A 14 2.57 -5.88 2.90
N PRO A 15 1.29 -5.88 2.45
CA PRO A 15 0.36 -7.02 2.67
C PRO A 15 0.79 -8.28 1.86
N GLU A 16 0.09 -9.40 2.10
CA GLU A 16 0.41 -10.68 1.46
C GLU A 16 -0.12 -10.72 0.00
N GLY A 17 0.70 -11.30 -0.90
CA GLY A 17 0.33 -11.55 -2.29
C GLY A 17 0.17 -10.31 -3.16
N VAL A 18 0.64 -9.15 -2.65
CA VAL A 18 0.56 -7.88 -3.38
C VAL A 18 1.67 -7.81 -4.45
N ASP A 19 1.28 -7.64 -5.73
CA ASP A 19 2.23 -7.53 -6.84
C ASP A 19 2.75 -6.09 -6.96
N PRO A 20 4.10 -5.87 -6.83
CA PRO A 20 4.71 -4.51 -6.90
C PRO A 20 4.81 -3.95 -8.34
N SER A 21 4.58 -4.83 -9.35
CA SER A 21 4.79 -4.48 -10.76
C SER A 21 3.72 -3.47 -11.23
N PHE A 22 2.42 -3.80 -11.07
CA PHE A 22 1.32 -2.87 -11.45
C PHE A 22 1.19 -1.75 -10.42
N LEU A 23 1.47 -2.10 -9.17
CA LEU A 23 1.30 -1.23 -8.00
C LEU A 23 2.15 0.05 -8.14
N ALA A 24 3.41 -0.14 -8.53
CA ALA A 24 4.39 0.95 -8.65
C ALA A 24 4.38 1.59 -10.05
N ALA A 25 4.13 0.77 -11.11
CA ALA A 25 4.19 1.25 -12.52
C ALA A 25 3.00 2.15 -12.89
N LEU A 26 1.80 1.76 -12.42
CA LEU A 26 0.56 2.53 -12.61
C LEU A 26 0.55 3.77 -11.67
N PRO A 27 -0.12 4.92 -12.05
CA PRO A 27 -0.13 6.18 -11.25
C PRO A 27 -0.70 5.97 -9.81
N ASP A 28 -0.46 6.99 -8.95
CA ASP A 28 -0.70 6.91 -7.49
C ASP A 28 -2.19 6.73 -7.14
N ASP A 29 -3.07 7.15 -8.07
CA ASP A 29 -4.53 7.12 -7.92
C ASP A 29 -5.06 5.68 -7.76
N ILE A 30 -4.77 4.82 -8.75
CA ILE A 30 -5.25 3.42 -8.71
C ILE A 30 -4.30 2.55 -7.87
N ARG A 31 -3.04 3.01 -7.70
CA ARG A 31 -2.04 2.39 -6.80
C ARG A 31 -2.61 2.28 -5.35
N ARG A 32 -3.11 3.40 -4.80
CA ARG A 32 -3.66 3.43 -3.43
C ARG A 32 -5.01 2.70 -3.38
N GLU A 33 -5.84 2.83 -4.45
CA GLU A 33 -7.21 2.26 -4.45
C GLU A 33 -7.16 0.72 -4.51
N VAL A 34 -6.23 0.16 -5.32
CA VAL A 34 -6.08 -1.32 -5.44
C VAL A 34 -5.52 -1.91 -4.13
N LEU A 35 -4.64 -1.15 -3.43
CA LEU A 35 -4.13 -1.57 -2.10
C LEU A 35 -5.29 -1.76 -1.09
N GLN A 36 -6.19 -0.78 -1.06
CA GLN A 36 -7.33 -0.73 -0.12
C GLN A 36 -8.44 -1.74 -0.51
N ASN A 37 -8.75 -1.81 -1.80
CA ASN A 37 -9.89 -2.63 -2.31
C ASN A 37 -9.55 -4.12 -2.32
N GLN A 38 -8.32 -4.45 -2.77
CA GLN A 38 -7.86 -5.85 -2.87
C GLN A 38 -7.58 -6.44 -1.48
N LEU A 39 -6.68 -5.79 -0.71
CA LEU A 39 -6.13 -6.38 0.53
C LEU A 39 -6.92 -5.92 1.77
N GLY A 40 -7.54 -4.73 1.70
CA GLY A 40 -8.35 -4.19 2.80
C GLY A 40 -7.52 -3.69 3.98
N ILE A 41 -6.21 -3.50 3.76
CA ILE A 41 -5.27 -3.04 4.78
C ILE A 41 -5.40 -1.50 4.94
N ARG A 42 -5.58 -1.03 6.19
CA ARG A 42 -5.72 0.41 6.49
C ARG A 42 -4.34 1.03 6.84
N PRO A 43 -3.83 2.01 6.04
CA PRO A 43 -2.68 2.85 6.45
C PRO A 43 -2.96 3.74 7.72
N PRO A 44 -4.22 4.34 7.95
CA PRO A 44 -4.52 5.03 9.25
C PRO A 44 -4.52 4.05 10.45
N THR A 45 -3.63 4.33 11.42
CA THR A 45 -3.46 3.52 12.64
C THR A 45 -3.51 4.45 13.87
N ARG A 46 -4.54 4.24 14.71
CA ARG A 46 -4.77 5.01 15.94
C ARG A 46 -3.67 4.70 16.99
N THR A 47 -2.73 5.64 17.10
CA THR A 47 -1.65 5.58 18.10
C THR A 47 -2.15 6.06 19.48
N ALA A 48 -3.31 6.75 19.47
CA ALA A 48 -4.03 7.18 20.69
C ALA A 48 -4.56 5.95 21.49
N PRO A 49 -4.74 6.06 22.86
CA PRO A 49 -5.37 5.00 23.70
C PRO A 49 -6.72 4.49 23.15
N SER A 50 -7.46 5.40 22.47
CA SER A 50 -8.71 5.08 21.78
C SER A 50 -8.44 4.12 20.59
N THR A 51 -8.72 2.83 20.81
CA THR A 51 -8.50 1.77 19.83
C THR A 51 -9.69 1.73 18.85
N ASN A 52 -9.68 2.66 17.89
CA ASN A 52 -10.77 2.83 16.92
C ASN A 52 -10.55 1.92 15.70
N SER A 53 -11.40 0.88 15.58
CA SER A 53 -11.41 -0.01 14.40
C SER A 53 -12.58 0.41 13.47
N THR A 1 12.56 7.09 -0.26
CA THR A 1 13.85 6.45 -0.61
C THR A 1 13.60 5.02 -1.14
N SER A 2 13.95 4.80 -2.44
CA SER A 2 13.87 3.49 -3.12
C SER A 2 12.42 2.96 -3.20
N SER A 3 11.44 3.86 -3.02
CA SER A 3 10.00 3.55 -3.04
C SER A 3 9.51 3.27 -4.47
N GLU A 4 10.39 3.45 -5.48
CA GLU A 4 10.12 3.15 -6.89
C GLU A 4 9.73 1.67 -7.07
N GLU A 5 10.34 0.79 -6.26
CA GLU A 5 9.96 -0.63 -6.14
C GLU A 5 9.42 -0.89 -4.72
N GLU A 6 8.43 -1.79 -4.60
CA GLU A 6 7.89 -2.22 -3.29
C GLU A 6 7.77 -3.75 -3.27
N ASP A 7 8.88 -4.41 -2.91
CA ASP A 7 9.03 -5.87 -2.92
C ASP A 7 8.42 -6.50 -1.64
N PRO A 8 7.46 -7.49 -1.77
CA PRO A 8 6.89 -8.20 -0.59
C PRO A 8 7.92 -9.12 0.11
N LEU A 9 8.91 -9.58 -0.67
CA LEU A 9 9.97 -10.47 -0.17
C LEU A 9 11.05 -9.66 0.61
N ALA A 10 10.92 -8.32 0.63
CA ALA A 10 11.78 -7.42 1.41
C ALA A 10 11.49 -7.51 2.92
N GLY A 11 10.44 -8.28 3.30
CA GLY A 11 10.08 -8.50 4.70
C GLY A 11 9.01 -7.55 5.21
N ILE A 12 8.64 -6.56 4.38
CA ILE A 12 7.56 -5.59 4.70
C ILE A 12 6.19 -6.24 4.52
N SER A 13 5.25 -5.86 5.39
CA SER A 13 3.89 -6.43 5.43
C SER A 13 3.01 -5.82 4.32
N LEU A 14 3.10 -6.40 3.11
CA LEU A 14 2.28 -6.00 1.96
C LEU A 14 1.01 -6.87 1.85
N PRO A 15 -0.12 -6.30 1.31
CA PRO A 15 -1.44 -6.99 1.29
C PRO A 15 -1.50 -8.25 0.38
N GLU A 16 -2.70 -8.86 0.31
CA GLU A 16 -2.92 -10.16 -0.36
C GLU A 16 -2.82 -10.02 -1.89
N GLY A 17 -1.95 -10.86 -2.50
CA GLY A 17 -1.82 -10.98 -3.96
C GLY A 17 -1.34 -9.71 -4.66
N VAL A 18 -0.57 -8.89 -3.93
CA VAL A 18 -0.05 -7.63 -4.47
C VAL A 18 1.34 -7.86 -5.14
N ASP A 19 1.65 -7.04 -6.15
CA ASP A 19 2.90 -7.11 -6.93
C ASP A 19 3.45 -5.70 -7.14
N PRO A 20 4.78 -5.43 -6.88
CA PRO A 20 5.45 -4.16 -7.23
C PRO A 20 5.31 -3.77 -8.73
N SER A 21 4.93 -4.76 -9.58
CA SER A 21 4.72 -4.56 -11.03
C SER A 21 3.74 -3.41 -11.32
N PHE A 22 2.49 -3.52 -10.82
CA PHE A 22 1.45 -2.50 -11.06
C PHE A 22 1.60 -1.31 -10.11
N LEU A 23 2.23 -1.54 -8.93
CA LEU A 23 2.46 -0.47 -7.93
C LEU A 23 3.42 0.60 -8.48
N ALA A 24 4.41 0.14 -9.27
CA ALA A 24 5.48 1.00 -9.82
C ALA A 24 5.11 1.55 -11.19
N ALA A 25 4.69 0.64 -12.10
CA ALA A 25 4.41 0.98 -13.51
C ALA A 25 3.20 1.92 -13.66
N LEU A 26 2.16 1.64 -12.88
CA LEU A 26 0.89 2.42 -12.90
C LEU A 26 0.96 3.52 -11.80
N PRO A 27 0.10 4.61 -11.87
CA PRO A 27 0.14 5.74 -10.88
C PRO A 27 -0.31 5.35 -9.45
N ASP A 28 -0.26 6.32 -8.52
CA ASP A 28 -0.69 6.13 -7.11
C ASP A 28 -2.23 6.07 -6.98
N ASP A 29 -2.96 6.51 -8.01
CA ASP A 29 -4.45 6.57 -7.99
C ASP A 29 -5.08 5.18 -7.81
N ILE A 30 -4.74 4.24 -8.71
CA ILE A 30 -5.28 2.86 -8.62
C ILE A 30 -4.53 2.05 -7.56
N ARG A 31 -3.29 2.46 -7.27
CA ARG A 31 -2.44 1.86 -6.22
C ARG A 31 -3.15 1.98 -4.85
N ARG A 32 -3.62 3.20 -4.54
CA ARG A 32 -4.26 3.50 -3.24
C ARG A 32 -5.66 2.86 -3.16
N GLU A 33 -6.40 2.80 -4.29
CA GLU A 33 -7.76 2.23 -4.30
C GLU A 33 -7.72 0.69 -4.20
N VAL A 34 -6.81 0.02 -4.94
CA VAL A 34 -6.72 -1.47 -4.86
C VAL A 34 -6.29 -1.91 -3.44
N LEU A 35 -5.45 -1.09 -2.80
CA LEU A 35 -5.00 -1.30 -1.42
C LEU A 35 -6.21 -1.30 -0.44
N GLN A 36 -6.90 -0.15 -0.38
CA GLN A 36 -7.96 0.14 0.62
C GLN A 36 -9.31 -0.52 0.23
N ASN A 37 -9.72 -0.34 -1.03
CA ASN A 37 -11.03 -0.82 -1.54
C ASN A 37 -11.09 -2.36 -1.59
N GLN A 38 -9.98 -3.04 -1.96
CA GLN A 38 -9.98 -4.51 -2.07
C GLN A 38 -9.77 -5.18 -0.70
N LEU A 39 -8.66 -4.83 -0.01
CA LEU A 39 -8.25 -5.56 1.22
C LEU A 39 -8.88 -4.93 2.47
N GLY A 40 -9.06 -3.61 2.44
CA GLY A 40 -9.58 -2.87 3.59
C GLY A 40 -8.50 -2.31 4.50
N ILE A 41 -7.22 -2.53 4.12
CA ILE A 41 -6.05 -2.04 4.87
C ILE A 41 -5.91 -0.51 4.64
N ARG A 42 -5.95 0.25 5.74
CA ARG A 42 -5.80 1.71 5.71
C ARG A 42 -4.35 2.10 6.08
N PRO A 43 -3.67 2.96 5.26
CA PRO A 43 -2.38 3.59 5.64
C PRO A 43 -2.47 4.49 6.92
N PRO A 44 -3.56 5.34 7.16
CA PRO A 44 -3.70 6.10 8.43
C PRO A 44 -4.12 5.19 9.61
N THR A 45 -3.13 4.50 10.19
CA THR A 45 -3.31 3.62 11.33
C THR A 45 -3.68 4.46 12.58
N ARG A 46 -5.00 4.61 12.82
CA ARG A 46 -5.54 5.51 13.85
C ARG A 46 -5.28 4.96 15.26
N THR A 47 -4.18 5.44 15.85
CA THR A 47 -3.85 5.22 17.26
C THR A 47 -4.35 6.44 18.07
N ALA A 48 -5.50 6.27 18.73
CA ALA A 48 -6.19 7.34 19.46
C ALA A 48 -6.93 6.73 20.68
N PRO A 49 -7.31 7.57 21.72
CA PRO A 49 -8.22 7.14 22.82
C PRO A 49 -9.47 6.39 22.32
N SER A 50 -9.97 6.81 21.15
CA SER A 50 -11.06 6.15 20.42
C SER A 50 -10.49 5.02 19.52
N THR A 51 -11.14 3.84 19.54
CA THR A 51 -10.74 2.71 18.70
C THR A 51 -11.20 2.93 17.25
N ASN A 52 -10.34 2.57 16.27
CA ASN A 52 -10.67 2.70 14.83
C ASN A 52 -11.69 1.62 14.43
N SER A 53 -12.98 2.00 14.46
CA SER A 53 -14.10 1.10 14.16
C SER A 53 -15.08 1.84 13.21
N THR A 1 13.95 10.52 -5.29
CA THR A 1 13.26 9.97 -4.11
C THR A 1 11.74 10.03 -4.34
N SER A 2 11.17 8.89 -4.75
CA SER A 2 9.72 8.73 -4.98
C SER A 2 9.35 7.24 -4.78
N SER A 3 8.05 6.92 -4.94
CA SER A 3 7.56 5.51 -4.97
C SER A 3 7.25 5.09 -6.43
N GLU A 4 7.97 5.75 -7.40
CA GLU A 4 7.82 5.50 -8.84
C GLU A 4 8.12 4.03 -9.18
N GLU A 5 9.10 3.45 -8.49
CA GLU A 5 9.28 1.99 -8.42
C GLU A 5 9.28 1.56 -6.94
N GLU A 6 8.17 0.92 -6.53
CA GLU A 6 8.05 0.33 -5.21
C GLU A 6 8.88 -0.97 -5.17
N ASP A 7 9.71 -1.12 -4.14
CA ASP A 7 10.75 -2.16 -4.09
C ASP A 7 10.39 -3.22 -3.02
N PRO A 8 10.19 -4.53 -3.42
CA PRO A 8 9.82 -5.61 -2.47
C PRO A 8 10.90 -5.92 -1.41
N LEU A 9 12.19 -5.73 -1.78
CA LEU A 9 13.34 -6.01 -0.89
C LEU A 9 13.55 -4.88 0.14
N ALA A 10 12.83 -3.74 -0.04
CA ALA A 10 12.90 -2.56 0.85
C ALA A 10 12.49 -2.87 2.31
N GLY A 11 11.83 -4.02 2.53
CA GLY A 11 11.32 -4.40 3.85
C GLY A 11 9.90 -3.86 4.06
N ILE A 12 9.17 -3.72 2.95
CA ILE A 12 7.79 -3.23 2.94
C ILE A 12 6.78 -4.40 3.14
N SER A 13 5.56 -4.04 3.55
CA SER A 13 4.47 -5.01 3.78
C SER A 13 3.53 -5.05 2.55
N LEU A 14 3.92 -5.85 1.54
CA LEU A 14 3.06 -6.12 0.37
C LEU A 14 1.99 -7.16 0.77
N PRO A 15 0.67 -6.81 0.67
CA PRO A 15 -0.42 -7.78 0.98
C PRO A 15 -0.49 -8.92 -0.06
N GLU A 16 -1.22 -10.00 0.30
CA GLU A 16 -1.27 -11.24 -0.48
C GLU A 16 -1.85 -11.01 -1.89
N GLY A 17 -1.16 -11.55 -2.91
CA GLY A 17 -1.57 -11.43 -4.31
C GLY A 17 -1.38 -10.03 -4.88
N VAL A 18 -0.60 -9.18 -4.18
CA VAL A 18 -0.29 -7.78 -4.59
C VAL A 18 1.23 -7.62 -4.77
N ASP A 19 1.64 -7.42 -6.03
CA ASP A 19 3.04 -7.17 -6.39
C ASP A 19 3.24 -5.66 -6.62
N PRO A 20 4.50 -5.13 -6.52
CA PRO A 20 4.79 -3.71 -6.78
C PRO A 20 4.97 -3.39 -8.28
N SER A 21 4.66 -4.38 -9.13
CA SER A 21 4.76 -4.28 -10.59
C SER A 21 3.78 -3.21 -11.13
N PHE A 22 2.47 -3.41 -10.86
CA PHE A 22 1.40 -2.48 -11.28
C PHE A 22 1.38 -1.22 -10.41
N LEU A 23 1.87 -1.34 -9.15
CA LEU A 23 1.95 -0.20 -8.22
C LEU A 23 3.00 0.83 -8.70
N ALA A 24 4.03 0.33 -9.41
CA ALA A 24 5.15 1.13 -9.94
C ALA A 24 4.87 1.62 -11.37
N ALA A 25 4.34 0.71 -12.20
CA ALA A 25 4.11 0.95 -13.64
C ALA A 25 2.96 1.94 -13.85
N LEU A 26 1.85 1.67 -13.16
CA LEU A 26 0.61 2.47 -13.24
C LEU A 26 0.63 3.57 -12.14
N PRO A 27 -0.20 4.66 -12.26
CA PRO A 27 -0.16 5.84 -11.32
C PRO A 27 -0.47 5.45 -9.86
N ASP A 28 0.06 6.23 -8.88
CA ASP A 28 -0.19 6.01 -7.41
C ASP A 28 -1.70 5.98 -7.05
N ASP A 29 -2.52 6.47 -7.99
CA ASP A 29 -3.99 6.37 -7.98
C ASP A 29 -4.45 4.91 -7.80
N ILE A 30 -3.89 3.97 -8.61
CA ILE A 30 -4.28 2.54 -8.54
C ILE A 30 -3.77 1.93 -7.22
N ARG A 31 -2.61 2.42 -6.74
CA ARG A 31 -1.93 1.94 -5.53
C ARG A 31 -2.85 2.05 -4.30
N ARG A 32 -3.41 3.25 -4.10
CA ARG A 32 -4.26 3.55 -2.94
C ARG A 32 -5.65 2.86 -3.07
N GLU A 33 -6.25 2.88 -4.29
CA GLU A 33 -7.62 2.35 -4.49
C GLU A 33 -7.66 0.82 -4.41
N VAL A 34 -6.65 0.10 -4.96
CA VAL A 34 -6.61 -1.37 -4.92
C VAL A 34 -6.26 -1.84 -3.50
N LEU A 35 -5.43 -1.08 -2.79
CA LEU A 35 -5.01 -1.41 -1.41
C LEU A 35 -6.26 -1.56 -0.49
N GLN A 36 -7.15 -0.56 -0.57
CA GLN A 36 -8.38 -0.51 0.25
C GLN A 36 -9.48 -1.44 -0.29
N ASN A 37 -9.77 -1.38 -1.61
CA ASN A 37 -10.94 -2.06 -2.23
C ASN A 37 -10.71 -3.57 -2.40
N GLN A 38 -9.44 -3.99 -2.53
CA GLN A 38 -9.08 -5.43 -2.67
C GLN A 38 -8.80 -6.05 -1.30
N LEU A 39 -7.98 -5.36 -0.48
CA LEU A 39 -7.46 -5.95 0.78
C LEU A 39 -8.16 -5.36 2.00
N GLY A 40 -8.33 -4.03 2.02
CA GLY A 40 -8.89 -3.32 3.17
C GLY A 40 -7.89 -3.09 4.29
N ILE A 41 -6.61 -3.44 4.05
CA ILE A 41 -5.53 -3.25 5.02
C ILE A 41 -5.13 -1.75 5.00
N ARG A 42 -5.37 -1.07 6.14
CA ARG A 42 -5.19 0.38 6.26
C ARG A 42 -3.72 0.71 6.62
N PRO A 43 -3.03 1.62 5.85
CA PRO A 43 -1.70 2.14 6.23
C PRO A 43 -1.66 3.18 7.43
N PRO A 44 -2.78 3.97 7.81
CA PRO A 44 -2.71 4.90 8.98
C PRO A 44 -2.49 4.16 10.33
N THR A 45 -1.21 4.13 10.74
CA THR A 45 -0.80 3.74 12.11
C THR A 45 -0.76 5.00 12.97
N ARG A 46 -1.62 5.06 14.01
CA ARG A 46 -1.77 6.26 14.86
C ARG A 46 -0.47 6.54 15.65
N THR A 47 0.35 7.44 15.09
CA THR A 47 1.59 7.91 15.69
C THR A 47 1.26 8.88 16.84
N ALA A 48 0.37 9.83 16.54
CA ALA A 48 -0.26 10.71 17.54
C ALA A 48 -1.44 9.95 18.20
N PRO A 49 -1.66 10.11 19.55
CA PRO A 49 -2.70 9.35 20.29
C PRO A 49 -4.12 9.94 20.15
N SER A 50 -4.33 10.78 19.10
CA SER A 50 -5.58 11.51 18.80
C SER A 50 -6.11 12.27 20.06
N THR A 51 -5.50 13.43 20.33
CA THR A 51 -5.75 14.23 21.53
C THR A 51 -6.59 15.48 21.20
N ASN A 52 -7.32 15.99 22.21
CA ASN A 52 -8.13 17.22 22.10
C ASN A 52 -7.28 18.44 22.49
N SER A 53 -7.36 19.52 21.70
CA SER A 53 -6.70 20.80 22.00
C SER A 53 -7.77 21.82 22.53
N THR A 1 11.57 8.03 -16.28
CA THR A 1 10.58 6.93 -16.04
C THR A 1 10.01 7.02 -14.61
N SER A 2 9.11 6.07 -14.24
CA SER A 2 8.51 6.03 -12.89
C SER A 2 9.57 5.69 -11.82
N SER A 3 10.06 6.74 -11.13
CA SER A 3 11.04 6.61 -10.03
C SER A 3 10.40 5.93 -8.80
N GLU A 4 9.05 5.91 -8.74
CA GLU A 4 8.30 5.25 -7.66
C GLU A 4 8.19 3.74 -7.98
N GLU A 5 9.27 3.01 -7.72
CA GLU A 5 9.34 1.56 -7.89
C GLU A 5 9.13 0.88 -6.53
N GLU A 6 7.94 0.28 -6.34
CA GLU A 6 7.61 -0.52 -5.15
C GLU A 6 8.48 -1.78 -5.12
N ASP A 7 8.79 -2.30 -3.91
CA ASP A 7 9.69 -3.45 -3.74
C ASP A 7 9.21 -4.36 -2.58
N PRO A 8 9.21 -5.73 -2.77
CA PRO A 8 8.77 -6.69 -1.71
C PRO A 8 9.79 -6.87 -0.57
N LEU A 9 11.08 -6.60 -0.84
CA LEU A 9 12.18 -6.70 0.16
C LEU A 9 12.65 -5.28 0.57
N ALA A 10 11.72 -4.30 0.50
CA ALA A 10 11.99 -2.89 0.86
C ALA A 10 12.13 -2.68 2.38
N GLY A 11 11.72 -3.70 3.17
CA GLY A 11 11.70 -3.60 4.63
C GLY A 11 10.42 -2.94 5.12
N ILE A 12 9.31 -3.30 4.46
CA ILE A 12 7.97 -2.75 4.71
C ILE A 12 6.99 -3.89 5.01
N SER A 13 5.79 -3.52 5.45
CA SER A 13 4.68 -4.45 5.70
C SER A 13 3.84 -4.59 4.41
N LEU A 14 4.07 -5.69 3.69
CA LEU A 14 3.36 -5.99 2.44
C LEU A 14 1.90 -6.42 2.72
N PRO A 15 0.91 -5.97 1.89
CA PRO A 15 -0.46 -6.52 1.93
C PRO A 15 -0.57 -7.89 1.23
N GLU A 16 -1.71 -8.56 1.40
CA GLU A 16 -1.99 -9.84 0.71
C GLU A 16 -2.25 -9.55 -0.78
N GLY A 17 -1.73 -10.42 -1.67
CA GLY A 17 -1.85 -10.21 -3.12
C GLY A 17 -1.05 -9.01 -3.62
N VAL A 18 0.05 -8.69 -2.90
CA VAL A 18 0.98 -7.64 -3.30
C VAL A 18 1.77 -8.08 -4.56
N ASP A 19 1.83 -7.18 -5.53
CA ASP A 19 2.68 -7.32 -6.71
C ASP A 19 3.20 -5.92 -7.09
N PRO A 20 4.55 -5.67 -6.91
CA PRO A 20 5.15 -4.33 -7.14
C PRO A 20 5.16 -3.90 -8.62
N SER A 21 4.83 -4.82 -9.55
CA SER A 21 4.84 -4.54 -10.99
C SER A 21 3.79 -3.44 -11.33
N PHE A 22 2.50 -3.67 -10.97
CA PHE A 22 1.43 -2.67 -11.24
C PHE A 22 1.52 -1.50 -10.24
N LEU A 23 2.08 -1.74 -9.04
CA LEU A 23 2.26 -0.68 -8.02
C LEU A 23 3.33 0.35 -8.46
N ALA A 24 4.28 -0.10 -9.33
CA ALA A 24 5.35 0.76 -9.89
C ALA A 24 4.95 1.32 -11.28
N ALA A 25 4.26 0.48 -12.09
CA ALA A 25 3.92 0.80 -13.50
C ALA A 25 2.73 1.78 -13.59
N LEU A 26 1.83 1.71 -12.61
CA LEU A 26 0.62 2.54 -12.56
C LEU A 26 0.80 3.69 -11.53
N PRO A 27 0.10 4.87 -11.71
CA PRO A 27 0.19 6.02 -10.75
C PRO A 27 -0.39 5.67 -9.35
N ASP A 28 -0.23 6.60 -8.40
CA ASP A 28 -0.56 6.37 -6.98
C ASP A 28 -2.08 6.29 -6.72
N ASP A 29 -2.88 6.84 -7.65
CA ASP A 29 -4.35 7.01 -7.48
C ASP A 29 -5.09 5.67 -7.48
N ILE A 30 -4.89 4.87 -8.53
CA ILE A 30 -5.52 3.54 -8.64
C ILE A 30 -4.76 2.51 -7.78
N ARG A 31 -3.48 2.78 -7.49
CA ARG A 31 -2.64 1.83 -6.72
C ARG A 31 -3.02 1.89 -5.22
N ARG A 32 -3.45 3.08 -4.74
CA ARG A 32 -4.02 3.21 -3.38
C ARG A 32 -5.48 2.70 -3.37
N GLU A 33 -6.22 2.83 -4.52
CA GLU A 33 -7.61 2.35 -4.60
C GLU A 33 -7.64 0.80 -4.54
N VAL A 34 -6.67 0.14 -5.21
CA VAL A 34 -6.58 -1.34 -5.23
C VAL A 34 -6.10 -1.84 -3.85
N LEU A 35 -5.26 -1.03 -3.17
CA LEU A 35 -4.79 -1.34 -1.79
C LEU A 35 -5.97 -1.45 -0.79
N GLN A 36 -6.85 -0.42 -0.81
CA GLN A 36 -8.00 -0.34 0.13
C GLN A 36 -9.14 -1.28 -0.29
N ASN A 37 -9.41 -1.38 -1.60
CA ASN A 37 -10.57 -2.16 -2.12
C ASN A 37 -10.30 -3.67 -2.09
N GLN A 38 -9.01 -4.08 -2.15
CA GLN A 38 -8.64 -5.51 -2.04
C GLN A 38 -8.52 -5.94 -0.58
N LEU A 39 -7.67 -5.24 0.21
CA LEU A 39 -7.32 -5.68 1.58
C LEU A 39 -8.00 -4.83 2.66
N GLY A 40 -8.16 -3.52 2.40
CA GLY A 40 -8.68 -2.58 3.39
C GLY A 40 -7.72 -2.33 4.54
N ILE A 41 -6.43 -2.68 4.32
CA ILE A 41 -5.36 -2.46 5.30
C ILE A 41 -4.99 -0.96 5.28
N ARG A 42 -4.93 -0.34 6.47
CA ARG A 42 -4.67 1.11 6.60
C ARG A 42 -3.15 1.41 6.50
N PRO A 43 -2.72 2.26 5.51
CA PRO A 43 -1.34 2.81 5.47
C PRO A 43 -0.95 3.68 6.72
N PRO A 44 -1.88 4.49 7.40
CA PRO A 44 -1.55 5.18 8.69
C PRO A 44 -1.35 4.21 9.90
N THR A 45 -1.43 4.77 11.12
CA THR A 45 -1.17 4.03 12.37
C THR A 45 -2.15 2.84 12.53
N ARG A 46 -1.60 1.63 12.38
CA ARG A 46 -2.35 0.38 12.40
C ARG A 46 -2.82 0.06 13.83
N THR A 47 -4.07 0.45 14.12
CA THR A 47 -4.73 0.22 15.42
C THR A 47 -5.86 -0.82 15.31
N ALA A 48 -6.16 -1.25 14.07
CA ALA A 48 -7.18 -2.29 13.79
C ALA A 48 -6.47 -3.61 13.39
N PRO A 49 -6.27 -4.58 14.35
CA PRO A 49 -5.48 -5.83 14.10
C PRO A 49 -6.18 -6.86 13.14
N SER A 50 -7.26 -6.41 12.45
CA SER A 50 -8.02 -7.21 11.46
C SER A 50 -8.74 -8.40 12.12
N THR A 51 -8.98 -8.26 13.44
CA THR A 51 -9.73 -9.22 14.24
C THR A 51 -11.24 -9.05 13.98
N ASN A 52 -11.72 -9.73 12.92
CA ASN A 52 -13.14 -9.75 12.54
C ASN A 52 -13.90 -10.72 13.46
N SER A 53 -15.14 -10.34 13.81
CA SER A 53 -15.99 -11.09 14.75
C SER A 53 -17.46 -10.97 14.28
N THR A 1 18.30 2.91 -7.27
CA THR A 1 17.03 2.71 -8.01
C THR A 1 16.18 3.99 -7.96
N SER A 2 15.67 4.41 -9.14
CA SER A 2 14.85 5.62 -9.27
C SER A 2 13.40 5.38 -8.79
N SER A 3 12.63 6.49 -8.68
CA SER A 3 11.23 6.46 -8.20
C SER A 3 10.26 5.82 -9.23
N GLU A 4 10.79 5.48 -10.42
CA GLU A 4 10.07 4.72 -11.47
C GLU A 4 9.52 3.37 -10.93
N GLU A 5 10.38 2.66 -10.18
CA GLU A 5 10.09 1.31 -9.66
C GLU A 5 9.97 1.36 -8.14
N GLU A 6 9.28 0.36 -7.59
CA GLU A 6 9.19 0.10 -6.15
C GLU A 6 9.59 -1.36 -5.91
N ASP A 7 10.50 -1.60 -4.96
CA ASP A 7 11.02 -2.95 -4.66
C ASP A 7 10.36 -3.47 -3.36
N PRO A 8 9.85 -4.75 -3.30
CA PRO A 8 9.19 -5.30 -2.08
C PRO A 8 10.12 -5.29 -0.86
N LEU A 9 11.43 -5.50 -1.13
CA LEU A 9 12.47 -5.60 -0.10
C LEU A 9 13.24 -4.27 0.06
N ALA A 10 12.62 -3.15 -0.37
CA ALA A 10 13.21 -1.78 -0.23
C ALA A 10 13.12 -1.27 1.23
N GLY A 11 12.37 -1.99 2.08
CA GLY A 11 12.14 -1.59 3.47
C GLY A 11 10.74 -1.04 3.67
N ILE A 12 9.78 -1.55 2.85
CA ILE A 12 8.38 -1.07 2.81
C ILE A 12 7.40 -2.15 3.28
N SER A 13 6.18 -1.73 3.62
CA SER A 13 5.12 -2.62 4.14
C SER A 13 4.09 -2.98 3.05
N LEU A 14 4.44 -3.95 2.19
CA LEU A 14 3.51 -4.51 1.19
C LEU A 14 2.77 -5.73 1.79
N PRO A 15 1.40 -5.74 1.77
CA PRO A 15 0.59 -6.92 2.15
C PRO A 15 0.81 -8.14 1.22
N GLU A 16 0.21 -9.29 1.59
CA GLU A 16 0.37 -10.55 0.87
C GLU A 16 -0.31 -10.51 -0.51
N GLY A 17 0.37 -11.09 -1.52
CA GLY A 17 -0.16 -11.19 -2.88
C GLY A 17 -0.02 -9.90 -3.70
N VAL A 18 0.48 -8.83 -3.09
CA VAL A 18 0.57 -7.50 -3.73
C VAL A 18 1.92 -7.38 -4.46
N ASP A 19 1.89 -7.58 -5.80
CA ASP A 19 3.05 -7.38 -6.68
C ASP A 19 3.36 -5.87 -6.80
N PRO A 20 4.65 -5.46 -6.77
CA PRO A 20 5.06 -4.06 -7.04
C PRO A 20 5.02 -3.74 -8.54
N SER A 21 4.75 -4.78 -9.36
CA SER A 21 4.73 -4.68 -10.83
C SER A 21 3.65 -3.68 -11.28
N PHE A 22 2.38 -3.96 -10.93
CA PHE A 22 1.25 -3.05 -11.24
C PHE A 22 1.30 -1.82 -10.31
N LEU A 23 1.81 -2.03 -9.09
CA LEU A 23 1.73 -1.06 -8.00
C LEU A 23 2.64 0.17 -8.25
N ALA A 24 3.78 -0.07 -8.92
CA ALA A 24 4.73 1.00 -9.29
C ALA A 24 4.48 1.50 -10.73
N ALA A 25 4.08 0.58 -11.65
CA ALA A 25 3.87 0.91 -13.08
C ALA A 25 2.67 1.85 -13.28
N LEU A 26 1.61 1.60 -12.52
CA LEU A 26 0.37 2.41 -12.55
C LEU A 26 0.51 3.56 -11.52
N PRO A 27 -0.06 4.80 -11.79
CA PRO A 27 0.08 5.97 -10.89
C PRO A 27 -0.47 5.73 -9.47
N ASP A 28 -0.14 6.65 -8.55
CA ASP A 28 -0.43 6.50 -7.11
C ASP A 28 -1.94 6.43 -6.80
N ASP A 29 -2.75 7.06 -7.67
CA ASP A 29 -4.20 7.20 -7.50
C ASP A 29 -4.93 5.83 -7.49
N ILE A 30 -4.73 5.03 -8.54
CA ILE A 30 -5.40 3.71 -8.61
C ILE A 30 -4.62 2.67 -7.81
N ARG A 31 -3.30 2.88 -7.62
CA ARG A 31 -2.47 1.91 -6.88
C ARG A 31 -2.84 1.92 -5.38
N ARG A 32 -3.25 3.10 -4.85
CA ARG A 32 -3.75 3.20 -3.48
C ARG A 32 -5.17 2.63 -3.38
N GLU A 33 -6.03 2.88 -4.42
CA GLU A 33 -7.43 2.39 -4.40
C GLU A 33 -7.47 0.86 -4.47
N VAL A 34 -6.57 0.23 -5.28
CA VAL A 34 -6.51 -1.24 -5.39
C VAL A 34 -5.98 -1.85 -4.08
N LEU A 35 -5.07 -1.14 -3.39
CA LEU A 35 -4.57 -1.55 -2.06
C LEU A 35 -5.73 -1.59 -1.03
N GLN A 36 -6.62 -0.58 -1.11
CA GLN A 36 -7.77 -0.44 -0.20
C GLN A 36 -8.93 -1.40 -0.58
N ASN A 37 -9.14 -1.58 -1.89
CA ASN A 37 -10.28 -2.37 -2.42
C ASN A 37 -10.03 -3.88 -2.25
N GLN A 38 -8.78 -4.31 -2.45
CA GLN A 38 -8.39 -5.72 -2.34
C GLN A 38 -8.12 -6.12 -0.88
N LEU A 39 -7.28 -5.32 -0.19
CA LEU A 39 -6.80 -5.65 1.18
C LEU A 39 -7.67 -4.95 2.24
N GLY A 40 -7.90 -3.64 2.06
CA GLY A 40 -8.59 -2.83 3.07
C GLY A 40 -7.77 -2.59 4.33
N ILE A 41 -6.47 -2.33 4.15
CA ILE A 41 -5.51 -2.13 5.25
C ILE A 41 -4.77 -0.80 5.04
N ARG A 42 -4.71 0.04 6.10
CA ARG A 42 -3.92 1.28 6.10
C ARG A 42 -2.55 0.99 6.77
N PRO A 43 -1.38 1.35 6.12
CA PRO A 43 -0.06 1.18 6.75
C PRO A 43 0.16 2.01 8.07
N PRO A 44 -0.40 3.27 8.28
CA PRO A 44 -0.31 3.96 9.58
C PRO A 44 -1.21 3.33 10.66
N THR A 45 -1.14 3.90 11.88
CA THR A 45 -1.94 3.46 13.02
C THR A 45 -3.41 3.87 12.84
N ARG A 46 -4.32 3.08 13.46
CA ARG A 46 -5.77 3.34 13.40
C ARG A 46 -6.13 4.43 14.42
N THR A 47 -6.18 5.68 13.95
CA THR A 47 -6.45 6.85 14.80
C THR A 47 -7.97 6.98 15.05
N ALA A 48 -8.46 6.31 16.10
CA ALA A 48 -9.89 6.30 16.42
C ALA A 48 -10.27 7.53 17.30
N PRO A 49 -9.74 7.70 18.59
CA PRO A 49 -9.96 8.95 19.35
C PRO A 49 -8.81 9.97 19.15
N SER A 50 -7.74 9.54 18.47
CA SER A 50 -6.52 10.33 18.27
C SER A 50 -6.50 10.94 16.85
N THR A 51 -7.64 11.54 16.45
CA THR A 51 -7.79 12.14 15.12
C THR A 51 -8.55 13.48 15.21
N ASN A 52 -8.15 14.44 14.37
CA ASN A 52 -8.73 15.80 14.35
C ASN A 52 -10.11 15.78 13.67
N SER A 53 -11.13 16.26 14.39
CA SER A 53 -12.52 16.27 13.93
C SER A 53 -12.77 17.45 12.94
N THR A 1 17.75 4.58 -2.84
CA THR A 1 18.06 4.10 -4.20
C THR A 1 16.97 3.09 -4.65
N SER A 2 16.14 3.53 -5.64
CA SER A 2 15.02 2.75 -6.22
C SER A 2 13.87 2.49 -5.21
N SER A 3 13.94 3.13 -4.03
CA SER A 3 12.98 2.92 -2.91
C SER A 3 11.77 3.89 -3.02
N GLU A 4 11.60 4.49 -4.21
CA GLU A 4 10.48 5.43 -4.51
C GLU A 4 9.12 4.71 -4.38
N GLU A 5 9.08 3.47 -4.90
CA GLU A 5 7.87 2.63 -4.92
C GLU A 5 7.90 1.59 -3.79
N GLU A 6 6.76 0.90 -3.61
CA GLU A 6 6.53 0.01 -2.46
C GLU A 6 6.94 -1.43 -2.84
N ASP A 7 8.23 -1.70 -2.68
CA ASP A 7 8.85 -2.99 -3.03
C ASP A 7 9.17 -3.77 -1.73
N PRO A 8 8.91 -5.13 -1.66
CA PRO A 8 9.18 -5.97 -0.45
C PRO A 8 10.57 -5.75 0.19
N LEU A 9 11.61 -5.67 -0.66
CA LEU A 9 13.03 -5.58 -0.20
C LEU A 9 13.34 -4.15 0.32
N ALA A 10 12.42 -3.19 0.09
CA ALA A 10 12.50 -1.83 0.68
C ALA A 10 12.09 -1.81 2.17
N GLY A 11 11.77 -3.01 2.71
CA GLY A 11 11.50 -3.19 4.14
C GLY A 11 10.11 -2.72 4.56
N ILE A 12 9.21 -2.60 3.57
CA ILE A 12 7.85 -2.06 3.77
C ILE A 12 6.92 -3.09 4.44
N SER A 13 5.78 -2.62 4.97
CA SER A 13 4.78 -3.46 5.62
C SER A 13 3.48 -3.41 4.81
N LEU A 14 3.45 -4.23 3.74
CA LEU A 14 2.26 -4.42 2.89
C LEU A 14 1.73 -5.85 3.07
N PRO A 15 0.37 -6.06 3.05
CA PRO A 15 -0.27 -7.39 3.21
C PRO A 15 -0.05 -8.32 2.00
N GLU A 16 -0.31 -9.62 2.21
CA GLU A 16 -0.39 -10.62 1.12
C GLU A 16 -1.58 -10.27 0.21
N GLY A 17 -1.33 -10.19 -1.11
CA GLY A 17 -2.36 -9.83 -2.09
C GLY A 17 -2.04 -8.51 -2.79
N VAL A 18 -0.73 -8.18 -2.85
CA VAL A 18 -0.22 -6.99 -3.54
C VAL A 18 1.07 -7.36 -4.30
N ASP A 19 1.34 -6.62 -5.37
CA ASP A 19 2.48 -6.86 -6.26
C ASP A 19 3.01 -5.51 -6.79
N PRO A 20 4.35 -5.18 -6.59
CA PRO A 20 4.92 -3.87 -6.94
C PRO A 20 5.10 -3.64 -8.46
N SER A 21 4.73 -4.65 -9.30
CA SER A 21 4.76 -4.51 -10.75
C SER A 21 3.67 -3.50 -11.19
N PHE A 22 2.40 -3.78 -10.82
CA PHE A 22 1.27 -2.86 -11.11
C PHE A 22 1.34 -1.62 -10.20
N LEU A 23 1.85 -1.83 -8.99
CA LEU A 23 1.87 -0.80 -7.93
C LEU A 23 2.83 0.36 -8.30
N ALA A 24 3.90 0.03 -9.05
CA ALA A 24 4.90 1.01 -9.51
C ALA A 24 4.59 1.53 -10.92
N ALA A 25 4.20 0.61 -11.83
CA ALA A 25 3.96 0.91 -13.27
C ALA A 25 2.76 1.87 -13.46
N LEU A 26 1.74 1.66 -12.64
CA LEU A 26 0.50 2.46 -12.67
C LEU A 26 0.62 3.63 -11.67
N PRO A 27 -0.06 4.81 -11.92
CA PRO A 27 0.00 6.00 -11.02
C PRO A 27 -0.45 5.71 -9.57
N ASP A 28 -0.13 6.65 -8.65
CA ASP A 28 -0.34 6.47 -7.21
C ASP A 28 -1.83 6.37 -6.81
N ASP A 29 -2.71 6.88 -7.70
CA ASP A 29 -4.15 7.01 -7.41
C ASP A 29 -4.89 5.65 -7.42
N ILE A 30 -4.72 4.89 -8.51
CA ILE A 30 -5.39 3.58 -8.63
C ILE A 30 -4.61 2.50 -7.87
N ARG A 31 -3.28 2.70 -7.68
CA ARG A 31 -2.44 1.70 -6.99
C ARG A 31 -2.78 1.68 -5.48
N ARG A 32 -3.10 2.87 -4.92
CA ARG A 32 -3.56 2.97 -3.52
C ARG A 32 -4.97 2.35 -3.41
N GLU A 33 -5.86 2.65 -4.39
CA GLU A 33 -7.26 2.22 -4.32
C GLU A 33 -7.38 0.69 -4.43
N VAL A 34 -6.55 0.06 -5.29
CA VAL A 34 -6.56 -1.41 -5.46
C VAL A 34 -6.03 -2.11 -4.20
N LEU A 35 -4.97 -1.54 -3.58
CA LEU A 35 -4.42 -2.08 -2.31
C LEU A 35 -5.49 -2.07 -1.19
N GLN A 36 -6.21 -0.94 -1.07
CA GLN A 36 -7.21 -0.70 -0.04
C GLN A 36 -8.51 -1.49 -0.29
N ASN A 37 -8.88 -1.66 -1.57
CA ASN A 37 -10.12 -2.38 -1.98
C ASN A 37 -9.97 -3.90 -1.87
N GLN A 38 -8.76 -4.43 -2.21
CA GLN A 38 -8.50 -5.89 -2.18
C GLN A 38 -8.42 -6.42 -0.75
N LEU A 39 -7.52 -5.85 0.07
CA LEU A 39 -7.19 -6.39 1.41
C LEU A 39 -7.97 -5.66 2.52
N GLY A 40 -8.42 -4.42 2.23
CA GLY A 40 -9.05 -3.58 3.26
C GLY A 40 -8.04 -3.02 4.24
N ILE A 41 -6.89 -2.60 3.69
CA ILE A 41 -5.75 -2.05 4.46
C ILE A 41 -5.63 -0.55 4.16
N ARG A 42 -5.56 0.27 5.22
CA ARG A 42 -5.33 1.73 5.09
C ARG A 42 -3.97 2.10 5.75
N PRO A 43 -3.09 2.87 5.04
CA PRO A 43 -1.81 3.42 5.61
C PRO A 43 -1.95 4.37 6.85
N PRO A 44 -2.98 5.32 6.93
CA PRO A 44 -3.12 6.20 8.13
C PRO A 44 -3.61 5.42 9.38
N THR A 45 -3.78 6.13 10.52
CA THR A 45 -4.07 5.50 11.82
C THR A 45 -5.38 4.67 11.78
N ARG A 46 -5.20 3.34 11.71
CA ARG A 46 -6.29 2.36 11.75
C ARG A 46 -6.93 2.33 13.16
N THR A 47 -8.03 3.08 13.29
CA THR A 47 -8.82 3.15 14.53
C THR A 47 -9.94 2.07 14.52
N ALA A 48 -9.97 1.25 13.44
CA ALA A 48 -10.99 0.22 13.20
C ALA A 48 -12.42 0.84 13.21
N PRO A 49 -12.77 1.64 12.16
CA PRO A 49 -14.03 2.44 12.13
C PRO A 49 -15.30 1.56 12.05
N SER A 50 -15.87 1.26 13.25
CA SER A 50 -17.11 0.48 13.43
C SER A 50 -16.98 -0.95 12.85
N THR A 51 -15.75 -1.47 12.87
CA THR A 51 -15.40 -2.82 12.35
C THR A 51 -14.26 -3.42 13.20
N ASN A 52 -14.11 -4.76 13.19
CA ASN A 52 -12.95 -5.45 13.80
C ASN A 52 -12.06 -6.03 12.69
N SER A 53 -10.74 -5.79 12.79
CA SER A 53 -9.74 -6.29 11.83
C SER A 53 -9.10 -7.59 12.38
N THR A 1 15.13 1.18 -15.76
CA THR A 1 15.05 0.52 -14.43
C THR A 1 15.78 1.38 -13.37
N SER A 2 14.97 2.09 -12.55
CA SER A 2 15.44 3.07 -11.54
C SER A 2 14.89 2.68 -10.15
N SER A 3 14.97 3.62 -9.18
CA SER A 3 14.41 3.43 -7.82
C SER A 3 12.89 3.76 -7.79
N GLU A 4 12.36 4.19 -8.94
CA GLU A 4 10.92 4.53 -9.11
C GLU A 4 10.03 3.29 -8.86
N GLU A 5 10.50 2.14 -9.35
CA GLU A 5 9.88 0.84 -9.13
C GLU A 5 10.34 0.28 -7.76
N GLU A 6 9.40 -0.36 -7.06
CA GLU A 6 9.62 -0.94 -5.74
C GLU A 6 9.66 -2.48 -5.84
N ASP A 7 10.36 -3.11 -4.91
CA ASP A 7 10.51 -4.58 -4.87
C ASP A 7 10.57 -5.06 -3.40
N PRO A 8 9.93 -6.22 -3.02
CA PRO A 8 9.96 -6.76 -1.62
C PRO A 8 11.40 -7.05 -1.10
N LEU A 9 12.31 -7.45 -2.00
CA LEU A 9 13.71 -7.80 -1.65
C LEU A 9 14.53 -6.52 -1.32
N ALA A 10 13.99 -5.33 -1.69
CA ALA A 10 14.55 -4.02 -1.26
C ALA A 10 14.52 -3.85 0.28
N GLY A 11 13.63 -4.61 0.93
CA GLY A 11 13.49 -4.63 2.39
C GLY A 11 12.15 -4.10 2.86
N ILE A 12 11.25 -3.81 1.90
CA ILE A 12 9.89 -3.29 2.20
C ILE A 12 8.88 -4.44 2.30
N SER A 13 7.88 -4.24 3.17
CA SER A 13 6.85 -5.23 3.48
C SER A 13 5.55 -4.92 2.73
N LEU A 14 5.36 -5.56 1.56
CA LEU A 14 4.09 -5.50 0.81
C LEU A 14 3.11 -6.54 1.37
N PRO A 15 1.79 -6.18 1.55
CA PRO A 15 0.76 -7.13 2.04
C PRO A 15 0.47 -8.26 1.01
N GLU A 16 0.26 -9.48 1.52
CA GLU A 16 0.04 -10.68 0.68
C GLU A 16 -1.22 -10.55 -0.19
N GLY A 17 -1.05 -10.66 -1.52
CA GLY A 17 -2.14 -10.48 -2.48
C GLY A 17 -1.92 -9.29 -3.41
N VAL A 18 -1.04 -8.34 -3.03
CA VAL A 18 -0.62 -7.23 -3.94
C VAL A 18 0.71 -7.62 -4.61
N ASP A 19 0.97 -7.04 -5.78
CA ASP A 19 2.19 -7.30 -6.56
C ASP A 19 2.81 -5.94 -6.96
N PRO A 20 4.16 -5.73 -6.72
CA PRO A 20 4.82 -4.42 -6.90
C PRO A 20 4.89 -3.91 -8.36
N SER A 21 4.67 -4.82 -9.35
CA SER A 21 4.79 -4.48 -10.78
C SER A 21 3.76 -3.42 -11.19
N PHE A 22 2.46 -3.70 -10.93
CA PHE A 22 1.37 -2.76 -11.27
C PHE A 22 1.36 -1.58 -10.29
N LEU A 23 1.78 -1.86 -9.04
CA LEU A 23 1.74 -0.91 -7.93
C LEU A 23 2.68 0.29 -8.21
N ALA A 24 3.88 -0.02 -8.75
CA ALA A 24 4.95 0.96 -8.98
C ALA A 24 4.93 1.54 -10.40
N ALA A 25 4.43 0.76 -11.39
CA ALA A 25 4.39 1.18 -12.81
C ALA A 25 3.23 2.15 -13.08
N LEU A 26 2.06 1.82 -12.53
CA LEU A 26 0.81 2.60 -12.68
C LEU A 26 0.79 3.83 -11.72
N PRO A 27 -0.02 4.92 -12.00
CA PRO A 27 -0.06 6.16 -11.16
C PRO A 27 -0.55 5.93 -9.71
N ASP A 28 -0.61 7.01 -8.91
CA ASP A 28 -0.89 6.93 -7.46
C ASP A 28 -2.38 6.57 -7.19
N ASP A 29 -3.27 6.95 -8.10
CA ASP A 29 -4.74 6.88 -7.90
C ASP A 29 -5.23 5.43 -7.77
N ILE A 30 -4.92 4.60 -8.78
CA ILE A 30 -5.37 3.19 -8.80
C ILE A 30 -4.50 2.30 -7.88
N ARG A 31 -3.27 2.77 -7.52
CA ARG A 31 -2.35 1.97 -6.71
C ARG A 31 -2.83 1.93 -5.23
N ARG A 32 -3.35 3.07 -4.73
CA ARG A 32 -3.98 3.13 -3.38
C ARG A 32 -5.38 2.49 -3.42
N GLU A 33 -6.07 2.65 -4.57
CA GLU A 33 -7.36 1.99 -4.88
C GLU A 33 -7.25 0.46 -4.70
N VAL A 34 -6.23 -0.15 -5.33
CA VAL A 34 -6.04 -1.62 -5.31
C VAL A 34 -5.44 -2.09 -3.97
N LEU A 35 -4.60 -1.26 -3.34
CA LEU A 35 -3.92 -1.63 -2.08
C LEU A 35 -4.93 -1.71 -0.91
N GLN A 36 -5.69 -0.62 -0.73
CA GLN A 36 -6.63 -0.47 0.40
C GLN A 36 -7.84 -1.42 0.23
N ASN A 37 -8.40 -1.48 -0.99
CA ASN A 37 -9.64 -2.23 -1.25
C ASN A 37 -9.41 -3.75 -1.33
N GLN A 38 -8.30 -4.19 -1.94
CA GLN A 38 -8.02 -5.64 -2.10
C GLN A 38 -7.58 -6.27 -0.77
N LEU A 39 -6.53 -5.70 -0.15
CA LEU A 39 -5.89 -6.31 1.05
C LEU A 39 -6.63 -5.88 2.31
N GLY A 40 -7.23 -4.68 2.27
CA GLY A 40 -7.86 -4.08 3.44
C GLY A 40 -6.87 -3.34 4.33
N ILE A 41 -5.61 -3.25 3.87
CA ILE A 41 -4.52 -2.60 4.64
C ILE A 41 -4.73 -1.09 4.64
N ARG A 42 -4.71 -0.47 5.83
CA ARG A 42 -4.94 0.98 6.00
C ARG A 42 -3.57 1.72 6.10
N PRO A 43 -3.29 2.67 5.14
CA PRO A 43 -2.15 3.61 5.29
C PRO A 43 -2.25 4.53 6.57
N PRO A 44 -3.47 5.14 6.94
CA PRO A 44 -3.57 5.93 8.20
C PRO A 44 -3.54 5.03 9.46
N THR A 45 -2.48 5.19 10.27
CA THR A 45 -2.32 4.50 11.56
C THR A 45 -3.06 5.30 12.66
N ARG A 46 -3.66 4.58 13.63
CA ARG A 46 -4.42 5.20 14.74
C ARG A 46 -3.45 5.71 15.83
N THR A 47 -3.12 7.01 15.75
CA THR A 47 -2.26 7.71 16.73
C THR A 47 -3.06 8.83 17.43
N ALA A 48 -4.26 9.10 16.92
CA ALA A 48 -5.23 10.02 17.55
C ALA A 48 -5.83 9.34 18.81
N PRO A 49 -6.08 10.10 19.93
CA PRO A 49 -6.65 9.55 21.18
C PRO A 49 -8.20 9.42 21.13
N SER A 50 -8.74 9.31 19.90
CA SER A 50 -10.17 9.11 19.62
C SER A 50 -10.54 7.63 19.84
N THR A 51 -11.77 7.38 20.33
CA THR A 51 -12.30 6.02 20.50
C THR A 51 -12.79 5.50 19.13
N ASN A 52 -11.83 5.00 18.33
CA ASN A 52 -12.10 4.40 17.01
C ASN A 52 -11.98 2.88 17.13
N SER A 53 -13.08 2.16 16.90
CA SER A 53 -13.12 0.69 16.96
C SER A 53 -12.28 0.07 15.80
N THR A 1 8.06 12.75 -4.07
CA THR A 1 9.27 11.98 -4.39
C THR A 1 8.89 10.59 -4.92
N SER A 2 9.85 9.92 -5.59
CA SER A 2 9.67 8.55 -6.10
C SER A 2 9.59 7.56 -4.92
N SER A 3 8.35 7.36 -4.42
CA SER A 3 8.05 6.47 -3.28
C SER A 3 6.97 5.45 -3.65
N GLU A 4 6.48 5.54 -4.91
CA GLU A 4 5.43 4.66 -5.45
C GLU A 4 5.97 3.25 -5.74
N GLU A 5 7.31 3.19 -5.94
CA GLU A 5 8.03 1.94 -6.12
C GLU A 5 8.14 1.21 -4.77
N GLU A 6 7.19 0.31 -4.54
CA GLU A 6 7.06 -0.45 -3.29
C GLU A 6 7.45 -1.90 -3.59
N ASP A 7 8.77 -2.13 -3.49
CA ASP A 7 9.41 -3.39 -3.91
C ASP A 7 9.74 -4.25 -2.68
N PRO A 8 9.34 -5.57 -2.63
CA PRO A 8 9.58 -6.43 -1.45
C PRO A 8 11.09 -6.63 -1.17
N LEU A 9 11.92 -6.62 -2.24
CA LEU A 9 13.37 -6.85 -2.14
C LEU A 9 14.11 -5.51 -1.82
N ALA A 10 13.36 -4.38 -1.85
CA ALA A 10 13.88 -3.07 -1.36
C ALA A 10 14.15 -3.11 0.15
N GLY A 11 13.52 -4.08 0.84
CA GLY A 11 13.68 -4.27 2.28
C GLY A 11 12.41 -3.91 3.06
N ILE A 12 11.37 -3.44 2.33
CA ILE A 12 10.07 -3.06 2.94
C ILE A 12 9.12 -4.27 2.98
N SER A 13 7.94 -4.05 3.59
CA SER A 13 6.89 -5.07 3.69
C SER A 13 5.60 -4.57 3.01
N LEU A 14 5.19 -5.22 1.91
CA LEU A 14 3.89 -5.00 1.25
C LEU A 14 2.92 -6.17 1.58
N PRO A 15 1.57 -5.93 1.58
CA PRO A 15 0.57 -6.98 1.95
C PRO A 15 0.32 -8.00 0.82
N GLU A 16 -0.54 -9.00 1.11
CA GLU A 16 -0.87 -10.10 0.18
C GLU A 16 -1.76 -9.62 -0.98
N GLY A 17 -1.63 -10.29 -2.14
CA GLY A 17 -2.41 -9.95 -3.34
C GLY A 17 -2.05 -8.58 -3.92
N VAL A 18 -0.84 -8.11 -3.59
CA VAL A 18 -0.32 -6.82 -4.04
C VAL A 18 1.08 -7.04 -4.64
N ASP A 19 1.12 -7.19 -5.96
CA ASP A 19 2.36 -7.37 -6.72
C ASP A 19 2.95 -5.97 -7.10
N PRO A 20 4.30 -5.75 -6.90
CA PRO A 20 4.93 -4.41 -7.09
C PRO A 20 4.92 -3.89 -8.54
N SER A 21 4.63 -4.75 -9.54
CA SER A 21 4.65 -4.36 -10.98
C SER A 21 3.63 -3.25 -11.27
N PHE A 22 2.33 -3.50 -10.95
CA PHE A 22 1.25 -2.51 -11.19
C PHE A 22 1.36 -1.35 -10.18
N LEU A 23 1.87 -1.70 -9.00
CA LEU A 23 1.90 -0.82 -7.83
C LEU A 23 2.91 0.34 -8.01
N ALA A 24 4.00 0.03 -8.74
CA ALA A 24 5.08 1.00 -9.06
C ALA A 24 4.85 1.67 -10.43
N ALA A 25 4.60 0.82 -11.45
CA ALA A 25 4.57 1.26 -12.87
C ALA A 25 3.37 2.17 -13.19
N LEU A 26 2.20 1.79 -12.67
CA LEU A 26 0.93 2.54 -12.86
C LEU A 26 0.84 3.69 -11.82
N PRO A 27 0.01 4.77 -12.05
CA PRO A 27 -0.04 5.99 -11.18
C PRO A 27 -0.49 5.70 -9.72
N ASP A 28 -0.51 6.76 -8.88
CA ASP A 28 -0.85 6.62 -7.45
C ASP A 28 -2.32 6.26 -7.23
N ASP A 29 -3.18 6.65 -8.17
CA ASP A 29 -4.65 6.60 -8.01
C ASP A 29 -5.16 5.15 -7.87
N ILE A 30 -4.83 4.29 -8.84
CA ILE A 30 -5.28 2.89 -8.81
C ILE A 30 -4.47 2.06 -7.80
N ARG A 31 -3.17 2.42 -7.61
CA ARG A 31 -2.26 1.64 -6.73
C ARG A 31 -2.72 1.74 -5.25
N ARG A 32 -3.16 2.94 -4.85
CA ARG A 32 -3.62 3.21 -3.49
C ARG A 32 -5.02 2.60 -3.27
N GLU A 33 -5.90 2.67 -4.31
CA GLU A 33 -7.28 2.18 -4.18
C GLU A 33 -7.33 0.65 -4.15
N VAL A 34 -6.49 -0.03 -4.98
CA VAL A 34 -6.43 -1.52 -5.00
C VAL A 34 -5.87 -2.04 -3.67
N LEU A 35 -4.93 -1.28 -3.08
CA LEU A 35 -4.38 -1.56 -1.75
C LEU A 35 -5.52 -1.59 -0.68
N GLN A 36 -6.30 -0.48 -0.67
CA GLN A 36 -7.41 -0.25 0.29
C GLN A 36 -8.59 -1.22 0.05
N ASN A 37 -8.92 -1.47 -1.23
CA ASN A 37 -10.14 -2.23 -1.61
C ASN A 37 -9.93 -3.74 -1.38
N GLN A 38 -8.73 -4.25 -1.73
CA GLN A 38 -8.42 -5.69 -1.61
C GLN A 38 -8.29 -6.11 -0.13
N LEU A 39 -7.38 -5.45 0.61
CA LEU A 39 -7.01 -5.85 1.98
C LEU A 39 -7.97 -5.25 3.01
N GLY A 40 -8.43 -4.03 2.72
CA GLY A 40 -9.09 -3.19 3.73
C GLY A 40 -8.08 -2.50 4.64
N ILE A 41 -6.83 -2.40 4.14
CA ILE A 41 -5.72 -1.77 4.86
C ILE A 41 -5.87 -0.23 4.78
N ARG A 42 -5.79 0.43 5.94
CA ARG A 42 -5.99 1.87 6.06
C ARG A 42 -4.63 2.59 5.95
N PRO A 43 -4.48 3.59 5.02
CA PRO A 43 -3.33 4.51 5.02
C PRO A 43 -3.14 5.29 6.36
N PRO A 44 -4.22 5.89 7.03
CA PRO A 44 -4.05 6.61 8.33
C PRO A 44 -3.67 5.64 9.48
N THR A 45 -2.36 5.55 9.73
CA THR A 45 -1.79 4.80 10.84
C THR A 45 -2.16 5.50 12.16
N ARG A 46 -2.89 4.78 13.01
CA ARG A 46 -3.46 5.33 14.25
C ARG A 46 -2.35 5.52 15.29
N THR A 47 -1.80 6.74 15.34
CA THR A 47 -0.80 7.16 16.32
C THR A 47 -1.50 7.62 17.59
N ALA A 48 -2.58 8.40 17.38
CA ALA A 48 -3.51 8.82 18.42
C ALA A 48 -4.48 7.66 18.78
N PRO A 49 -5.07 7.65 20.03
CA PRO A 49 -6.10 6.65 20.43
C PRO A 49 -7.45 6.83 19.68
N SER A 50 -7.48 7.72 18.67
CA SER A 50 -8.59 7.87 17.72
C SER A 50 -8.78 6.56 16.91
N THR A 51 -9.54 5.63 17.50
CA THR A 51 -9.84 4.33 16.87
C THR A 51 -11.13 4.45 16.06
N ASN A 52 -11.09 4.02 14.79
CA ASN A 52 -12.26 3.97 13.90
C ASN A 52 -13.05 2.66 14.15
N SER A 53 -14.39 2.73 14.00
CA SER A 53 -15.26 1.56 14.16
C SER A 53 -15.68 1.07 12.75
N THR A 1 11.95 7.22 2.70
CA THR A 1 11.94 5.84 2.16
C THR A 1 11.04 5.76 0.90
N SER A 2 11.11 4.61 0.19
CA SER A 2 10.29 4.34 -1.01
C SER A 2 8.79 4.22 -0.64
N SER A 3 8.00 5.21 -1.09
CA SER A 3 6.54 5.27 -0.82
C SER A 3 5.73 5.31 -2.13
N GLU A 4 6.38 5.60 -3.26
CA GLU A 4 5.74 5.61 -4.59
C GLU A 4 5.78 4.20 -5.22
N GLU A 5 6.85 3.45 -4.90
CA GLU A 5 7.06 2.08 -5.39
C GLU A 5 7.67 1.22 -4.27
N GLU A 6 7.06 0.05 -4.04
CA GLU A 6 7.47 -0.90 -2.99
C GLU A 6 8.11 -2.12 -3.66
N ASP A 7 9.44 -2.23 -3.59
CA ASP A 7 10.21 -3.34 -4.20
C ASP A 7 10.67 -4.31 -3.09
N PRO A 8 10.39 -5.66 -3.20
CA PRO A 8 10.83 -6.69 -2.20
C PRO A 8 12.33 -6.61 -1.82
N LEU A 9 13.17 -6.42 -2.85
CA LEU A 9 14.64 -6.40 -2.71
C LEU A 9 15.16 -5.03 -2.22
N ALA A 10 14.25 -4.05 -2.09
CA ALA A 10 14.53 -2.77 -1.40
C ALA A 10 14.53 -2.95 0.14
N GLY A 11 14.05 -4.12 0.59
CA GLY A 11 14.03 -4.47 2.02
C GLY A 11 12.80 -3.92 2.76
N ILE A 12 11.85 -3.35 1.99
CA ILE A 12 10.58 -2.81 2.54
C ILE A 12 9.60 -3.95 2.90
N SER A 13 8.47 -3.59 3.50
CA SER A 13 7.41 -4.54 3.85
C SER A 13 6.09 -4.12 3.18
N LEU A 14 5.83 -4.68 1.98
CA LEU A 14 4.53 -4.56 1.29
C LEU A 14 3.59 -5.71 1.74
N PRO A 15 2.23 -5.52 1.71
CA PRO A 15 1.27 -6.60 2.10
C PRO A 15 1.36 -7.85 1.18
N GLU A 16 1.00 -9.03 1.73
CA GLU A 16 1.11 -10.31 1.01
C GLU A 16 0.07 -10.43 -0.12
N GLY A 17 0.48 -11.12 -1.21
CA GLY A 17 -0.38 -11.34 -2.37
C GLY A 17 -0.51 -10.12 -3.27
N VAL A 18 0.43 -9.17 -3.13
CA VAL A 18 0.44 -7.89 -3.87
C VAL A 18 1.72 -7.78 -4.69
N ASP A 19 1.58 -7.77 -6.03
CA ASP A 19 2.71 -7.71 -6.95
C ASP A 19 3.12 -6.24 -7.19
N PRO A 20 4.42 -5.89 -6.98
CA PRO A 20 4.93 -4.50 -7.16
C PRO A 20 4.95 -4.03 -8.64
N SER A 21 4.69 -4.94 -9.59
CA SER A 21 4.67 -4.62 -11.03
C SER A 21 3.62 -3.53 -11.34
N PHE A 22 2.35 -3.79 -10.98
CA PHE A 22 1.26 -2.82 -11.20
C PHE A 22 1.32 -1.71 -10.13
N LEU A 23 1.78 -2.09 -8.94
CA LEU A 23 1.79 -1.21 -7.75
C LEU A 23 2.78 -0.02 -7.94
N ALA A 24 3.85 -0.26 -8.70
CA ALA A 24 4.90 0.72 -8.97
C ALA A 24 4.65 1.47 -10.29
N ALA A 25 4.43 0.71 -11.37
CA ALA A 25 4.37 1.24 -12.76
C ALA A 25 3.15 2.14 -13.01
N LEU A 26 2.02 1.78 -12.38
CA LEU A 26 0.75 2.53 -12.51
C LEU A 26 0.76 3.76 -11.56
N PRO A 27 0.03 4.88 -11.93
CA PRO A 27 -0.02 6.14 -11.12
C PRO A 27 -0.66 5.95 -9.71
N ASP A 28 -0.56 6.98 -8.85
CA ASP A 28 -0.91 6.88 -7.41
C ASP A 28 -2.42 6.66 -7.16
N ASP A 29 -3.26 6.97 -8.16
CA ASP A 29 -4.73 6.95 -8.01
C ASP A 29 -5.27 5.51 -7.88
N ILE A 30 -4.95 4.64 -8.86
CA ILE A 30 -5.34 3.21 -8.78
C ILE A 30 -4.44 2.47 -7.77
N ARG A 31 -3.18 2.94 -7.63
CA ARG A 31 -2.21 2.43 -6.61
C ARG A 31 -2.85 2.41 -5.20
N ARG A 32 -3.47 3.54 -4.81
CA ARG A 32 -4.05 3.70 -3.46
C ARG A 32 -5.37 2.92 -3.33
N GLU A 33 -6.21 2.91 -4.40
CA GLU A 33 -7.53 2.28 -4.34
C GLU A 33 -7.39 0.74 -4.34
N VAL A 34 -6.50 0.17 -5.18
CA VAL A 34 -6.26 -1.28 -5.24
C VAL A 34 -5.64 -1.77 -3.91
N LEU A 35 -4.86 -0.89 -3.24
CA LEU A 35 -4.29 -1.20 -1.93
C LEU A 35 -5.39 -1.43 -0.86
N GLN A 36 -6.37 -0.50 -0.79
CA GLN A 36 -7.47 -0.57 0.20
C GLN A 36 -8.57 -1.57 -0.22
N ASN A 37 -8.75 -1.78 -1.53
CA ASN A 37 -9.81 -2.68 -2.07
C ASN A 37 -9.40 -4.14 -1.93
N GLN A 38 -8.17 -4.47 -2.39
CA GLN A 38 -7.61 -5.82 -2.30
C GLN A 38 -7.47 -6.26 -0.83
N LEU A 39 -6.71 -5.47 -0.04
CA LEU A 39 -6.27 -5.88 1.32
C LEU A 39 -7.20 -5.32 2.41
N GLY A 40 -7.67 -4.08 2.22
CA GLY A 40 -8.37 -3.35 3.29
C GLY A 40 -7.40 -2.79 4.32
N ILE A 41 -6.13 -2.60 3.90
CA ILE A 41 -5.07 -2.01 4.73
C ILE A 41 -5.24 -0.48 4.72
N ARG A 42 -5.28 0.13 5.92
CA ARG A 42 -5.49 1.57 6.09
C ARG A 42 -4.12 2.29 6.24
N PRO A 43 -3.78 3.26 5.34
CA PRO A 43 -2.69 4.23 5.58
C PRO A 43 -2.91 5.13 6.85
N PRO A 44 -4.17 5.69 7.15
CA PRO A 44 -4.41 6.47 8.40
C PRO A 44 -4.40 5.57 9.66
N THR A 45 -3.57 5.95 10.65
CA THR A 45 -3.49 5.28 11.95
C THR A 45 -4.56 5.87 12.89
N ARG A 46 -5.64 5.11 13.14
CA ARG A 46 -6.70 5.49 14.09
C ARG A 46 -6.13 5.50 15.53
N THR A 47 -5.75 6.70 15.99
CA THR A 47 -5.24 6.95 17.35
C THR A 47 -6.24 7.88 18.08
N ALA A 48 -7.55 7.55 17.92
CA ALA A 48 -8.68 8.42 18.30
C ALA A 48 -8.63 9.76 17.52
N PRO A 49 -8.88 9.73 16.16
CA PRO A 49 -8.90 10.94 15.32
C PRO A 49 -10.01 11.94 15.71
N SER A 50 -9.59 13.17 16.07
CA SER A 50 -10.49 14.30 16.34
C SER A 50 -11.12 14.80 15.02
N THR A 51 -10.34 14.70 13.91
CA THR A 51 -10.80 15.04 12.56
C THR A 51 -11.80 13.98 12.05
N ASN A 52 -12.82 14.44 11.32
CA ASN A 52 -13.86 13.55 10.75
C ASN A 52 -13.44 13.12 9.33
N SER A 53 -12.97 11.87 9.22
CA SER A 53 -12.48 11.29 7.95
C SER A 53 -13.03 9.84 7.83
N THR A 1 17.80 7.61 -2.50
CA THR A 1 17.14 6.40 -1.99
C THR A 1 16.53 5.60 -3.17
N SER A 2 16.85 4.30 -3.25
CA SER A 2 16.35 3.41 -4.30
C SER A 2 14.96 2.86 -3.90
N SER A 3 13.95 3.73 -3.93
CA SER A 3 12.56 3.41 -3.50
C SER A 3 11.59 3.53 -4.69
N GLU A 4 12.16 3.40 -5.91
CA GLU A 4 11.43 3.58 -7.18
C GLU A 4 10.39 2.46 -7.38
N GLU A 5 10.82 1.26 -7.00
CA GLU A 5 10.00 0.04 -7.06
C GLU A 5 9.88 -0.50 -5.64
N GLU A 6 8.73 -0.22 -5.01
CA GLU A 6 8.46 -0.58 -3.61
C GLU A 6 7.97 -2.05 -3.52
N ASP A 7 8.97 -2.96 -3.43
CA ASP A 7 8.75 -4.41 -3.38
C ASP A 7 8.18 -4.81 -2.01
N PRO A 8 7.25 -5.82 -1.92
CA PRO A 8 6.58 -6.22 -0.65
C PRO A 8 7.47 -7.10 0.26
N LEU A 9 8.80 -7.02 0.07
CA LEU A 9 9.80 -7.65 0.94
C LEU A 9 10.94 -6.62 1.24
N ALA A 10 10.78 -5.38 0.73
CA ALA A 10 11.80 -4.31 0.86
C ALA A 10 11.91 -3.74 2.29
N GLY A 11 10.82 -3.91 3.08
CA GLY A 11 10.75 -3.39 4.46
C GLY A 11 9.62 -2.39 4.64
N ILE A 12 9.19 -1.83 3.51
CA ILE A 12 8.08 -0.85 3.43
C ILE A 12 6.70 -1.51 3.67
N SER A 13 5.62 -0.68 3.70
CA SER A 13 4.25 -1.18 3.98
C SER A 13 3.51 -1.57 2.68
N LEU A 14 3.87 -2.75 2.13
CA LEU A 14 3.09 -3.46 1.09
C LEU A 14 2.73 -4.87 1.64
N PRO A 15 1.41 -5.17 1.86
CA PRO A 15 0.93 -6.51 2.32
C PRO A 15 1.07 -7.62 1.23
N GLU A 16 0.49 -8.78 1.53
CA GLU A 16 0.41 -9.91 0.59
C GLU A 16 -0.81 -9.72 -0.35
N GLY A 17 -0.67 -10.14 -1.62
CA GLY A 17 -1.77 -10.07 -2.60
C GLY A 17 -1.79 -8.77 -3.39
N VAL A 18 -0.63 -8.08 -3.41
CA VAL A 18 -0.42 -6.85 -4.20
C VAL A 18 1.01 -6.85 -4.81
N ASP A 19 1.10 -7.08 -6.14
CA ASP A 19 2.39 -7.14 -6.87
C ASP A 19 2.99 -5.73 -7.03
N PRO A 20 4.36 -5.57 -6.90
CA PRO A 20 5.04 -4.28 -7.13
C PRO A 20 5.14 -3.91 -8.63
N SER A 21 4.78 -4.88 -9.51
CA SER A 21 4.76 -4.72 -10.96
C SER A 21 3.81 -3.58 -11.37
N PHE A 22 2.52 -3.70 -10.98
CA PHE A 22 1.49 -2.68 -11.29
C PHE A 22 1.59 -1.51 -10.30
N LEU A 23 2.07 -1.82 -9.07
CA LEU A 23 2.11 -0.86 -7.96
C LEU A 23 3.10 0.30 -8.28
N ALA A 24 4.23 -0.03 -8.94
CA ALA A 24 5.26 0.96 -9.30
C ALA A 24 5.04 1.52 -10.72
N ALA A 25 4.61 0.66 -11.67
CA ALA A 25 4.46 1.06 -13.10
C ALA A 25 3.28 2.03 -13.29
N LEU A 26 2.11 1.67 -12.73
CA LEU A 26 0.87 2.48 -12.79
C LEU A 26 0.92 3.63 -11.76
N PRO A 27 0.15 4.77 -11.96
CA PRO A 27 0.18 5.96 -11.06
C PRO A 27 -0.40 5.69 -9.65
N ASP A 28 -0.42 6.73 -8.79
CA ASP A 28 -0.78 6.57 -7.37
C ASP A 28 -2.29 6.30 -7.13
N ASP A 29 -3.16 6.77 -8.04
CA ASP A 29 -4.63 6.76 -7.86
C ASP A 29 -5.21 5.34 -7.77
N ILE A 30 -4.88 4.49 -8.75
CA ILE A 30 -5.38 3.10 -8.77
C ILE A 30 -4.60 2.24 -7.76
N ARG A 31 -3.36 2.66 -7.41
CA ARG A 31 -2.50 1.86 -6.50
C ARG A 31 -3.00 1.98 -5.04
N ARG A 32 -3.50 3.19 -4.68
CA ARG A 32 -4.10 3.42 -3.35
C ARG A 32 -5.44 2.69 -3.25
N GLU A 33 -6.25 2.70 -4.35
CA GLU A 33 -7.57 2.03 -4.31
C GLU A 33 -7.43 0.51 -4.27
N VAL A 34 -6.44 -0.08 -5.00
CA VAL A 34 -6.24 -1.56 -4.99
C VAL A 34 -5.70 -2.02 -3.62
N LEU A 35 -4.94 -1.16 -2.94
CA LEU A 35 -4.42 -1.46 -1.59
C LEU A 35 -5.57 -1.59 -0.57
N GLN A 36 -6.46 -0.60 -0.57
CA GLN A 36 -7.54 -0.47 0.41
C GLN A 36 -8.74 -1.38 0.07
N ASN A 37 -9.17 -1.39 -1.20
CA ASN A 37 -10.34 -2.15 -1.67
C ASN A 37 -10.10 -3.67 -1.59
N GLN A 38 -8.89 -4.12 -2.01
CA GLN A 38 -8.53 -5.56 -1.99
C GLN A 38 -8.22 -6.03 -0.55
N LEU A 39 -7.26 -5.36 0.12
CA LEU A 39 -6.75 -5.82 1.44
C LEU A 39 -7.59 -5.24 2.58
N GLY A 40 -7.76 -3.90 2.59
CA GLY A 40 -8.44 -3.20 3.69
C GLY A 40 -7.49 -2.43 4.61
N ILE A 41 -6.17 -2.68 4.47
CA ILE A 41 -5.13 -2.02 5.27
C ILE A 41 -5.15 -0.50 4.97
N ARG A 42 -5.26 0.32 6.03
CA ARG A 42 -5.32 1.78 5.92
C ARG A 42 -3.91 2.39 6.09
N PRO A 43 -3.42 3.17 5.08
CA PRO A 43 -2.18 3.97 5.20
C PRO A 43 -2.21 5.06 6.34
N PRO A 44 -3.35 5.83 6.62
CA PRO A 44 -3.38 6.85 7.73
C PRO A 44 -3.32 6.17 9.11
N THR A 45 -2.09 6.05 9.63
CA THR A 45 -1.77 5.45 10.94
C THR A 45 -0.67 6.32 11.59
N ARG A 46 -0.84 6.68 12.87
CA ARG A 46 0.20 7.43 13.62
C ARG A 46 1.46 6.54 13.80
N THR A 47 2.38 6.69 12.83
CA THR A 47 3.61 5.87 12.73
C THR A 47 4.82 6.76 12.97
N ALA A 48 5.37 6.69 14.21
CA ALA A 48 6.55 7.46 14.66
C ALA A 48 6.28 8.98 14.65
N PRO A 49 6.01 9.62 15.84
CA PRO A 49 5.96 11.09 15.96
C PRO A 49 7.34 11.69 15.58
N SER A 50 7.37 12.38 14.41
CA SER A 50 8.63 12.86 13.79
C SER A 50 9.11 14.16 14.46
N THR A 51 9.49 14.03 15.73
CA THR A 51 10.09 15.09 16.54
C THR A 51 11.10 14.42 17.47
N ASN A 52 12.39 14.46 17.08
CA ASN A 52 13.47 13.82 17.84
C ASN A 52 14.00 14.81 18.90
N SER A 53 13.50 14.65 20.15
CA SER A 53 13.84 15.49 21.31
C SER A 53 13.41 16.97 21.09
N THR A 1 13.79 9.36 -6.49
CA THR A 1 13.17 8.06 -6.16
C THR A 1 12.94 7.23 -7.44
N SER A 2 13.26 5.92 -7.38
CA SER A 2 13.09 5.00 -8.53
C SER A 2 11.76 4.23 -8.41
N SER A 3 10.65 4.99 -8.45
CA SER A 3 9.28 4.46 -8.30
C SER A 3 8.70 3.94 -9.64
N GLU A 4 9.58 3.73 -10.64
CA GLU A 4 9.22 3.16 -11.94
C GLU A 4 8.90 1.66 -11.77
N GLU A 5 9.76 1.02 -10.95
CA GLU A 5 9.61 -0.38 -10.55
C GLU A 5 10.43 -0.60 -9.26
N GLU A 6 9.72 -0.77 -8.15
CA GLU A 6 10.34 -0.99 -6.83
C GLU A 6 10.26 -2.48 -6.49
N ASP A 7 11.44 -3.12 -6.40
CA ASP A 7 11.58 -4.56 -6.09
C ASP A 7 11.01 -4.86 -4.68
N PRO A 8 10.27 -6.00 -4.47
CA PRO A 8 9.66 -6.33 -3.15
C PRO A 8 10.71 -6.48 -2.01
N LEU A 9 11.88 -7.03 -2.37
CA LEU A 9 13.00 -7.27 -1.42
C LEU A 9 13.96 -6.05 -1.34
N ALA A 10 13.59 -4.93 -2.01
CA ALA A 10 14.40 -3.68 -2.02
C ALA A 10 14.40 -2.98 -0.65
N GLY A 11 13.54 -3.43 0.28
CA GLY A 11 13.40 -2.80 1.59
C GLY A 11 12.08 -2.05 1.72
N ILE A 12 11.23 -2.14 0.68
CA ILE A 12 9.86 -1.58 0.71
C ILE A 12 8.91 -2.51 1.49
N SER A 13 7.72 -2.00 1.80
CA SER A 13 6.74 -2.73 2.62
C SER A 13 5.38 -2.78 1.90
N LEU A 14 5.19 -3.83 1.08
CA LEU A 14 3.90 -4.15 0.46
C LEU A 14 3.31 -5.43 1.12
N PRO A 15 1.95 -5.56 1.19
CA PRO A 15 1.30 -6.80 1.69
C PRO A 15 1.31 -7.92 0.62
N GLU A 16 1.21 -9.18 1.10
CA GLU A 16 1.27 -10.37 0.25
C GLU A 16 0.05 -10.43 -0.69
N GLY A 17 0.32 -10.48 -2.00
CA GLY A 17 -0.72 -10.48 -3.03
C GLY A 17 -0.66 -9.25 -3.93
N VAL A 18 -0.04 -8.17 -3.44
CA VAL A 18 0.16 -6.93 -4.19
C VAL A 18 1.47 -7.00 -4.98
N ASP A 19 1.33 -7.22 -6.28
CA ASP A 19 2.47 -7.21 -7.22
C ASP A 19 3.01 -5.77 -7.33
N PRO A 20 4.34 -5.54 -7.11
CA PRO A 20 4.99 -4.22 -7.33
C PRO A 20 4.98 -3.78 -8.81
N SER A 21 4.57 -4.72 -9.70
CA SER A 21 4.35 -4.47 -11.13
C SER A 21 3.33 -3.32 -11.32
N PHE A 22 2.11 -3.50 -10.79
CA PHE A 22 1.05 -2.49 -10.93
C PHE A 22 1.25 -1.35 -9.93
N LEU A 23 1.80 -1.71 -8.76
CA LEU A 23 1.93 -0.81 -7.62
C LEU A 23 2.87 0.37 -7.95
N ALA A 24 4.01 0.06 -8.56
CA ALA A 24 5.03 1.06 -8.91
C ALA A 24 4.86 1.59 -10.35
N ALA A 25 4.73 0.68 -11.34
CA ALA A 25 4.74 1.06 -12.78
C ALA A 25 3.49 1.84 -13.21
N LEU A 26 2.36 1.64 -12.51
CA LEU A 26 1.11 2.40 -12.74
C LEU A 26 1.04 3.59 -11.73
N PRO A 27 0.20 4.66 -11.99
CA PRO A 27 0.17 5.87 -11.13
C PRO A 27 -0.37 5.59 -9.70
N ASP A 28 -0.37 6.62 -8.84
CA ASP A 28 -0.74 6.47 -7.43
C ASP A 28 -2.25 6.20 -7.24
N ASP A 29 -3.04 6.57 -8.24
CA ASP A 29 -4.51 6.63 -8.14
C ASP A 29 -5.12 5.22 -7.95
N ILE A 30 -4.80 4.31 -8.88
CA ILE A 30 -5.35 2.95 -8.85
C ILE A 30 -4.61 2.09 -7.80
N ARG A 31 -3.30 2.37 -7.59
CA ARG A 31 -2.46 1.57 -6.70
C ARG A 31 -2.90 1.73 -5.23
N ARG A 32 -3.36 2.96 -4.87
CA ARG A 32 -3.86 3.25 -3.51
C ARG A 32 -5.24 2.61 -3.32
N GLU A 33 -6.15 2.79 -4.31
CA GLU A 33 -7.55 2.33 -4.16
C GLU A 33 -7.64 0.79 -4.15
N VAL A 34 -6.78 0.11 -4.92
CA VAL A 34 -6.73 -1.38 -4.92
C VAL A 34 -6.10 -1.90 -3.62
N LEU A 35 -5.11 -1.16 -3.08
CA LEU A 35 -4.45 -1.52 -1.81
C LEU A 35 -5.47 -1.52 -0.64
N GLN A 36 -6.30 -0.47 -0.65
CA GLN A 36 -7.33 -0.23 0.39
C GLN A 36 -8.54 -1.18 0.22
N ASN A 37 -9.03 -1.36 -1.02
CA ASN A 37 -10.28 -2.14 -1.29
C ASN A 37 -10.03 -3.66 -1.21
N GLN A 38 -8.83 -4.11 -1.59
CA GLN A 38 -8.47 -5.55 -1.59
C GLN A 38 -8.03 -6.01 -0.19
N LEU A 39 -7.07 -5.30 0.42
CA LEU A 39 -6.44 -5.72 1.70
C LEU A 39 -7.08 -5.02 2.89
N GLY A 40 -7.40 -3.71 2.72
CA GLY A 40 -7.87 -2.88 3.83
C GLY A 40 -6.73 -2.18 4.56
N ILE A 41 -5.56 -2.10 3.90
CA ILE A 41 -4.36 -1.46 4.46
C ILE A 41 -4.10 -0.12 3.74
N ARG A 42 -3.89 0.94 4.53
CA ARG A 42 -3.54 2.28 4.02
C ARG A 42 -2.05 2.55 4.29
N PRO A 43 -1.30 3.19 3.34
CA PRO A 43 0.15 3.52 3.56
C PRO A 43 0.44 4.40 4.83
N PRO A 44 -0.36 5.49 5.17
CA PRO A 44 -0.11 6.29 6.38
C PRO A 44 -0.50 5.54 7.69
N THR A 45 0.35 5.65 8.71
CA THR A 45 0.16 5.01 10.02
C THR A 45 -0.99 5.66 10.79
N ARG A 46 -2.19 5.02 10.76
CA ARG A 46 -3.36 5.48 11.53
C ARG A 46 -3.12 5.24 13.05
N THR A 47 -3.23 6.31 13.83
CA THR A 47 -2.89 6.31 15.26
C THR A 47 -3.85 7.25 16.03
N ALA A 48 -4.87 6.63 16.66
CA ALA A 48 -5.87 7.34 17.47
C ALA A 48 -5.23 7.81 18.80
N PRO A 49 -5.25 9.15 19.14
CA PRO A 49 -4.62 9.70 20.38
C PRO A 49 -5.05 9.01 21.69
N SER A 50 -6.24 8.41 21.70
CA SER A 50 -6.79 7.71 22.88
C SER A 50 -6.06 6.38 23.14
N THR A 51 -5.59 5.71 22.07
CA THR A 51 -4.90 4.41 22.16
C THR A 51 -3.45 4.53 21.65
N ASN A 52 -2.47 4.09 22.48
CA ASN A 52 -1.04 4.12 22.12
C ASN A 52 -0.74 3.20 20.91
N SER A 53 -0.60 3.82 19.72
CA SER A 53 -0.44 3.11 18.44
C SER A 53 0.84 3.61 17.74
N THR A 1 -0.61 11.48 -1.77
CA THR A 1 -0.10 10.53 -2.78
C THR A 1 0.34 9.22 -2.12
N SER A 2 0.22 8.10 -2.87
CA SER A 2 0.60 6.77 -2.39
C SER A 2 1.68 6.18 -3.30
N SER A 3 2.93 6.59 -3.03
CA SER A 3 4.10 6.20 -3.83
C SER A 3 5.09 5.38 -2.98
N GLU A 4 4.61 4.83 -1.85
CA GLU A 4 5.44 4.05 -0.90
C GLU A 4 5.57 2.57 -1.39
N GLU A 5 6.34 2.42 -2.48
CA GLU A 5 6.60 1.11 -3.11
C GLU A 5 7.50 0.26 -2.22
N GLU A 6 6.89 -0.74 -1.58
CA GLU A 6 7.56 -1.65 -0.65
C GLU A 6 7.98 -2.94 -1.35
N ASP A 7 9.28 -3.27 -1.24
CA ASP A 7 9.88 -4.45 -1.89
C ASP A 7 9.72 -5.68 -0.98
N PRO A 8 9.15 -6.82 -1.48
CA PRO A 8 8.87 -8.02 -0.63
C PRO A 8 10.15 -8.67 -0.05
N LEU A 9 11.27 -8.57 -0.81
CA LEU A 9 12.57 -9.19 -0.44
C LEU A 9 13.27 -8.36 0.66
N ALA A 10 12.89 -7.06 0.76
CA ALA A 10 13.44 -6.13 1.78
C ALA A 10 13.21 -6.61 3.23
N GLY A 11 12.22 -7.51 3.42
CA GLY A 11 11.90 -8.10 4.73
C GLY A 11 10.57 -7.63 5.27
N ILE A 12 9.90 -6.72 4.53
CA ILE A 12 8.59 -6.17 4.90
C ILE A 12 7.45 -7.11 4.44
N SER A 13 6.22 -6.81 4.85
CA SER A 13 5.03 -7.62 4.54
C SER A 13 4.09 -6.85 3.59
N LEU A 14 4.01 -7.30 2.32
CA LEU A 14 2.99 -6.84 1.36
C LEU A 14 1.71 -7.69 1.54
N PRO A 15 0.51 -7.17 1.15
CA PRO A 15 -0.74 -7.98 1.09
C PRO A 15 -0.70 -9.01 -0.07
N GLU A 16 -1.52 -10.07 0.06
CA GLU A 16 -1.56 -11.19 -0.90
C GLU A 16 -2.18 -10.77 -2.24
N GLY A 17 -1.61 -11.31 -3.33
CA GLY A 17 -2.03 -10.99 -4.70
C GLY A 17 -1.69 -9.58 -5.15
N VAL A 18 -0.83 -8.88 -4.37
CA VAL A 18 -0.45 -7.48 -4.61
C VAL A 18 1.08 -7.33 -4.62
N ASP A 19 1.64 -7.33 -5.83
CA ASP A 19 3.06 -7.04 -6.08
C ASP A 19 3.23 -5.54 -6.39
N PRO A 20 4.44 -4.95 -6.17
CA PRO A 20 4.72 -3.54 -6.56
C PRO A 20 4.91 -3.36 -8.09
N SER A 21 4.62 -4.41 -8.88
CA SER A 21 4.72 -4.40 -10.34
C SER A 21 3.73 -3.38 -10.96
N PHE A 22 2.42 -3.60 -10.72
CA PHE A 22 1.33 -2.76 -11.29
C PHE A 22 1.19 -1.45 -10.50
N LEU A 23 1.63 -1.47 -9.22
CA LEU A 23 1.59 -0.28 -8.34
C LEU A 23 2.60 0.78 -8.82
N ALA A 24 3.77 0.33 -9.31
CA ALA A 24 4.86 1.20 -9.81
C ALA A 24 4.75 1.44 -11.32
N ALA A 25 4.09 0.50 -12.04
CA ALA A 25 3.88 0.61 -13.51
C ALA A 25 2.87 1.70 -13.84
N LEU A 26 1.80 1.76 -13.03
CA LEU A 26 0.66 2.68 -13.22
C LEU A 26 0.72 3.80 -12.13
N PRO A 27 -0.03 4.95 -12.29
CA PRO A 27 0.00 6.11 -11.32
C PRO A 27 -0.43 5.72 -9.88
N ASP A 28 0.04 6.49 -8.88
CA ASP A 28 -0.16 6.23 -7.42
C ASP A 28 -1.65 6.09 -7.02
N ASP A 29 -2.53 6.57 -7.89
CA ASP A 29 -3.99 6.52 -7.71
C ASP A 29 -4.51 5.07 -7.72
N ILE A 30 -3.94 4.23 -8.62
CA ILE A 30 -4.34 2.80 -8.70
C ILE A 30 -3.82 2.07 -7.44
N ARG A 31 -2.65 2.52 -6.93
CA ARG A 31 -1.97 1.93 -5.77
C ARG A 31 -2.87 1.99 -4.54
N ARG A 32 -3.33 3.21 -4.21
CA ARG A 32 -4.13 3.46 -3.01
C ARG A 32 -5.50 2.73 -3.10
N GLU A 33 -6.15 2.78 -4.29
CA GLU A 33 -7.50 2.24 -4.45
C GLU A 33 -7.48 0.70 -4.36
N VAL A 34 -6.59 0.00 -5.13
CA VAL A 34 -6.55 -1.47 -5.18
C VAL A 34 -6.11 -2.07 -3.83
N LEU A 35 -5.26 -1.33 -3.09
CA LEU A 35 -4.75 -1.76 -1.78
C LEU A 35 -5.94 -1.93 -0.79
N GLN A 36 -6.70 -0.83 -0.65
CA GLN A 36 -7.82 -0.72 0.28
C GLN A 36 -9.06 -1.50 -0.22
N ASN A 37 -9.27 -1.53 -1.54
CA ASN A 37 -10.48 -2.09 -2.17
C ASN A 37 -10.44 -3.62 -2.13
N GLN A 38 -9.29 -4.18 -2.52
CA GLN A 38 -9.09 -5.63 -2.63
C GLN A 38 -9.00 -6.29 -1.24
N LEU A 39 -8.12 -5.77 -0.35
CA LEU A 39 -7.82 -6.43 0.94
C LEU A 39 -8.54 -5.76 2.09
N GLY A 40 -8.60 -4.41 2.06
CA GLY A 40 -9.06 -3.61 3.21
C GLY A 40 -7.93 -2.99 4.00
N ILE A 41 -6.67 -3.24 3.56
CA ILE A 41 -5.49 -2.65 4.17
C ILE A 41 -5.33 -1.19 3.69
N ARG A 42 -5.33 -0.26 4.66
CA ARG A 42 -5.26 1.19 4.39
C ARG A 42 -3.84 1.72 4.73
N PRO A 43 -3.31 2.73 3.97
CA PRO A 43 -2.03 3.40 4.31
C PRO A 43 -2.01 4.10 5.72
N PRO A 44 -3.08 4.88 6.18
CA PRO A 44 -3.06 5.51 7.54
C PRO A 44 -3.22 4.48 8.68
N THR A 45 -3.04 4.95 9.92
CA THR A 45 -3.18 4.12 11.12
C THR A 45 -4.68 3.94 11.49
N ARG A 46 -4.94 3.09 12.50
CA ARG A 46 -6.30 2.83 13.00
C ARG A 46 -6.86 4.09 13.69
N THR A 47 -7.67 4.84 12.92
CA THR A 47 -8.23 6.16 13.31
C THR A 47 -9.78 6.12 13.33
N ALA A 48 -10.35 4.91 13.14
CA ALA A 48 -11.80 4.65 13.09
C ALA A 48 -12.52 5.55 12.04
N PRO A 49 -12.20 5.40 10.71
CA PRO A 49 -12.80 6.23 9.64
C PRO A 49 -14.25 5.79 9.29
N SER A 50 -15.07 6.74 8.81
CA SER A 50 -16.44 6.48 8.38
C SER A 50 -16.42 5.71 7.03
N THR A 51 -17.17 4.59 6.98
CA THR A 51 -17.18 3.69 5.82
C THR A 51 -17.73 4.39 4.56
N ASN A 52 -16.99 4.26 3.44
CA ASN A 52 -17.31 4.95 2.17
C ASN A 52 -18.34 4.14 1.37
N SER A 53 -19.35 4.85 0.84
CA SER A 53 -20.40 4.28 -0.01
C SER A 53 -20.23 4.82 -1.45
#